data_5U5D
#
_entry.id   5U5D
#
_cell.length_a   54.464
_cell.length_b   111.287
_cell.length_c   128.499
_cell.angle_alpha   90.00
_cell.angle_beta   90.00
_cell.angle_gamma   90.00
#
_symmetry.space_group_name_H-M   'P 21 21 21'
#
loop_
_entity.id
_entity.type
_entity.pdbx_description
1 polymer '(S)-2-hydroxypropylphosphonic acid epoxidase'
2 non-polymer 'MANGANESE (II) ION'
3 non-polymer '[(2R)-2-hydroxypropyl]phosphonic acid'
4 water water
#
_entity_poly.entity_id   1
_entity_poly.type   'polypeptide(L)'
_entity_poly.pdbx_seq_one_letter_code
;MDVRTLAVGKAHLEALLATRKMTLEHLQDVRHDATQVYFDGLEHLQNVAQYLAIPLSEFFVGQTQSDLDDGVKIARRNGG
FKREEIRGGVHYYTYEHLVTTNQDPGLMALRLDLHSDDEQPLRLNGGHGSREIVYVTRGAVRVRWVGDNDELKEDVLNEG
DSIFILPNVPHSFTNHVGGAKSEIIAINYG
;
_entity_poly.pdbx_strand_id   A,B,C,D
#
# COMPACT_ATOMS: atom_id res chain seq x y z
N ARG A 4 25.84 -0.47 22.38
CA ARG A 4 25.02 0.31 23.40
C ARG A 4 24.49 1.65 22.89
N THR A 5 25.36 2.40 22.21
CA THR A 5 24.93 3.60 21.49
C THR A 5 24.01 3.27 20.31
N LEU A 6 23.01 4.10 20.07
CA LEU A 6 22.14 3.94 18.87
C LEU A 6 22.20 5.12 17.90
N ALA A 7 22.48 4.84 16.63
CA ALA A 7 22.60 5.86 15.64
C ALA A 7 21.33 5.94 14.82
N VAL A 8 20.91 7.16 14.54
CA VAL A 8 19.79 7.41 13.65
C VAL A 8 20.26 8.43 12.59
N GLY A 9 19.86 8.25 11.34
CA GLY A 9 20.22 9.19 10.27
C GLY A 9 19.74 10.61 10.54
N LYS A 10 20.65 11.57 10.48
CA LYS A 10 20.37 12.94 10.87
C LYS A 10 19.31 13.56 9.97
N ALA A 11 19.54 13.48 8.67
CA ALA A 11 18.60 14.03 7.69
C ALA A 11 17.19 13.48 7.92
N HIS A 12 17.09 12.17 8.05
CA HIS A 12 15.81 11.54 8.34
C HIS A 12 15.17 12.08 9.61
N LEU A 13 15.93 12.10 10.70
CA LEU A 13 15.40 12.59 11.94
C LEU A 13 14.98 14.05 11.80
N GLU A 14 15.78 14.85 11.11
CA GLU A 14 15.44 16.26 10.90
C GLU A 14 14.16 16.40 10.11
N ALA A 15 13.90 15.50 9.16
CA ALA A 15 12.66 15.55 8.42
C ALA A 15 11.48 15.23 9.32
N LEU A 16 11.61 14.21 10.17
CA LEU A 16 10.56 13.87 11.14
C LEU A 16 10.27 15.03 12.06
N LEU A 17 11.30 15.68 12.55
CA LEU A 17 11.12 16.82 13.43
C LEU A 17 10.44 17.99 12.70
N ALA A 18 10.78 18.18 11.44
CA ALA A 18 10.23 19.30 10.64
C ALA A 18 8.74 19.12 10.38
N THR A 19 8.27 17.89 10.20
CA THR A 19 6.84 17.67 10.05
C THR A 19 6.10 18.05 11.34
N ARG A 20 6.79 18.06 12.47
CA ARG A 20 6.17 18.45 13.73
C ARG A 20 6.51 19.88 14.13
N LYS A 21 7.10 20.62 13.19
CA LYS A 21 7.56 21.97 13.42
C LYS A 21 8.54 22.05 14.58
N MET A 22 9.48 21.11 14.60
CA MET A 22 10.55 21.11 15.61
C MET A 22 11.88 21.09 14.89
N THR A 23 12.94 21.30 15.64
CA THR A 23 14.30 21.14 15.15
C THR A 23 15.06 20.29 16.14
N LEU A 24 16.32 20.00 15.81
CA LEU A 24 17.21 19.26 16.72
C LEU A 24 17.38 19.93 18.09
N GLU A 25 17.16 21.24 18.18
CA GLU A 25 17.36 21.95 19.42
C GLU A 25 16.28 21.51 20.41
N HIS A 26 15.14 21.01 19.90
CA HIS A 26 14.01 20.61 20.75
C HIS A 26 14.23 19.23 21.40
N LEU A 27 15.31 18.54 21.01
CA LEU A 27 15.73 17.29 21.65
C LEU A 27 16.80 17.59 22.71
N GLN A 28 16.57 17.14 23.93
CA GLN A 28 17.41 17.61 25.03
C GLN A 28 18.89 17.24 24.89
N ASP A 29 19.24 15.98 25.12
CA ASP A 29 20.65 15.61 25.30
C ASP A 29 21.07 14.59 24.26
N VAL A 30 20.90 14.95 22.99
CA VAL A 30 21.49 14.17 21.93
C VAL A 30 22.74 14.82 21.41
N ARG A 31 23.67 14.01 20.94
CA ARG A 31 24.84 14.47 20.24
C ARG A 31 24.67 14.08 18.79
N HIS A 32 25.43 14.72 17.92
CA HIS A 32 25.35 14.38 16.51
C HIS A 32 26.68 14.63 15.82
N ASP A 33 26.73 14.24 14.56
CA ASP A 33 27.83 14.61 13.71
C ASP A 33 27.20 15.07 12.41
N ALA A 34 27.97 15.12 11.33
CA ALA A 34 27.45 15.60 10.08
C ALA A 34 26.28 14.75 9.55
N THR A 35 26.27 13.44 9.85
CA THR A 35 25.34 12.46 9.21
C THR A 35 24.41 11.65 10.13
N GLN A 36 24.67 11.67 11.43
CA GLN A 36 24.01 10.77 12.34
C GLN A 36 23.78 11.43 13.68
N VAL A 37 22.75 10.96 14.38
CA VAL A 37 22.38 11.47 15.68
C VAL A 37 22.48 10.30 16.66
N TYR A 38 23.02 10.55 17.84
CA TYR A 38 23.37 9.46 18.70
C TYR A 38 22.55 9.52 19.96
N PHE A 39 22.10 8.37 20.38
CA PHE A 39 21.35 8.23 21.60
C PHE A 39 22.09 7.32 22.54
N ASP A 40 22.11 7.71 23.82
CA ASP A 40 22.72 6.87 24.89
C ASP A 40 22.34 5.39 24.86
N GLY A 41 21.12 5.08 24.47
CA GLY A 41 20.68 3.68 24.47
C GLY A 41 19.23 3.62 24.11
N LEU A 42 18.65 2.43 24.17
CA LEU A 42 17.26 2.26 23.83
C LEU A 42 16.35 3.11 24.68
N GLU A 43 16.72 3.28 25.93
CA GLU A 43 15.83 3.96 26.84
C GLU A 43 15.70 5.42 26.41
N HIS A 44 16.82 6.03 26.05
CA HIS A 44 16.84 7.40 25.55
C HIS A 44 16.04 7.55 24.25
N LEU A 45 16.23 6.61 23.32
CA LEU A 45 15.49 6.62 22.08
C LEU A 45 14.01 6.48 22.31
N GLN A 46 13.61 5.64 23.26
CA GLN A 46 12.20 5.45 23.56
C GLN A 46 11.56 6.70 24.09
N ASN A 47 12.33 7.49 24.83
CA ASN A 47 11.86 8.78 25.33
C ASN A 47 11.60 9.78 24.23
N VAL A 48 12.50 9.85 23.28
CA VAL A 48 12.29 10.75 22.15
C VAL A 48 11.08 10.31 21.32
N ALA A 49 11.00 9.02 21.03
CA ALA A 49 9.87 8.47 20.33
C ALA A 49 8.56 8.86 21.00
N GLN A 50 8.55 8.84 22.33
CA GLN A 50 7.38 9.17 23.11
C GLN A 50 7.06 10.65 22.92
N TYR A 51 8.09 11.45 23.03
CA TYR A 51 7.97 12.89 22.88
C TYR A 51 7.48 13.29 21.50
N LEU A 52 7.92 12.58 20.48
CA LEU A 52 7.48 12.89 19.14
C LEU A 52 6.19 12.18 18.78
N ALA A 53 5.69 11.36 19.68
CA ALA A 53 4.54 10.50 19.39
C ALA A 53 4.68 9.67 18.10
N ILE A 54 5.85 9.08 17.91
CA ILE A 54 6.14 8.20 16.80
CA ILE A 54 6.11 8.16 16.79
C ILE A 54 6.58 6.84 17.30
N PRO A 55 6.39 5.78 16.50
CA PRO A 55 6.93 4.54 17.01
C PRO A 55 8.42 4.44 16.73
N LEU A 56 9.09 3.62 17.50
CA LEU A 56 10.54 3.40 17.40
C LEU A 56 11.00 2.98 15.97
N SER A 57 10.21 2.13 15.33
CA SER A 57 10.44 1.77 13.95
C SER A 57 10.64 2.95 12.99
N GLU A 58 9.93 4.07 13.19
CA GLU A 58 9.99 5.18 12.23
C GLU A 58 11.37 5.75 12.10
N PHE A 59 12.15 5.65 13.16
CA PHE A 59 13.48 6.24 13.17
C PHE A 59 14.43 5.55 12.18
N PHE A 60 14.09 4.33 11.74
CA PHE A 60 14.88 3.56 10.74
C PHE A 60 14.23 3.33 9.39
N VAL A 61 13.00 3.80 9.20
CA VAL A 61 12.33 3.69 7.92
C VAL A 61 13.12 4.35 6.79
N GLY A 62 13.25 3.64 5.68
CA GLY A 62 14.03 4.10 4.52
C GLY A 62 15.52 4.08 4.69
N GLN A 63 16.00 3.82 5.90
CA GLN A 63 17.41 4.08 6.15
C GLN A 63 18.28 2.86 5.81
N THR A 64 17.72 1.77 5.28
CA THR A 64 18.57 0.63 4.97
C THR A 64 19.20 0.78 3.61
N GLN A 65 20.50 0.49 3.51
CA GLN A 65 21.21 0.60 2.27
C GLN A 65 20.81 -0.51 1.32
N SER A 66 20.45 -0.13 0.10
CA SER A 66 20.09 -1.09 -0.94
C SER A 66 21.19 -2.16 -1.11
N ASP A 67 20.78 -3.41 -1.29
CA ASP A 67 21.72 -4.49 -1.60
C ASP A 67 21.79 -4.78 -3.10
N LEU A 68 21.20 -3.92 -3.93
CA LEU A 68 21.28 -4.05 -5.37
C LEU A 68 22.55 -3.40 -5.89
N ASP A 69 23.00 -3.85 -7.07
CA ASP A 69 24.11 -3.26 -7.80
C ASP A 69 23.59 -2.96 -9.17
N ASP A 70 23.42 -1.69 -9.47
CA ASP A 70 22.97 -1.22 -10.77
C ASP A 70 21.54 -1.65 -11.10
N GLY A 71 20.68 -1.67 -10.09
CA GLY A 71 19.29 -1.97 -10.33
C GLY A 71 18.94 -3.44 -10.31
N VAL A 72 19.86 -4.27 -9.85
CA VAL A 72 19.78 -5.71 -10.02
C VAL A 72 20.43 -6.46 -8.89
N LYS A 73 20.08 -7.70 -8.69
CA LYS A 73 20.83 -8.54 -7.76
C LYS A 73 20.82 -9.98 -8.22
N ILE A 74 21.95 -10.65 -8.12
CA ILE A 74 22.16 -11.98 -8.68
C ILE A 74 22.49 -12.95 -7.57
N ALA A 75 21.97 -14.17 -7.68
CA ALA A 75 22.27 -15.22 -6.74
C ALA A 75 22.59 -16.47 -7.51
N ARG A 76 23.36 -17.34 -6.87
CA ARG A 76 23.97 -18.51 -7.49
C ARG A 76 23.47 -19.73 -6.82
N ARG A 77 23.29 -20.82 -7.59
CA ARG A 77 22.83 -22.08 -7.03
C ARG A 77 23.70 -22.44 -5.84
N ASN A 78 23.07 -22.88 -4.75
CA ASN A 78 23.75 -23.31 -3.52
C ASN A 78 24.53 -22.20 -2.87
N GLY A 79 24.28 -20.97 -3.27
CA GLY A 79 25.07 -19.85 -2.81
C GLY A 79 24.56 -19.25 -1.50
N GLY A 80 23.30 -19.50 -1.18
CA GLY A 80 22.68 -18.91 0.01
C GLY A 80 22.12 -19.93 0.98
N PHE A 81 21.08 -19.52 1.68
CA PHE A 81 20.50 -20.34 2.74
C PHE A 81 19.78 -21.56 2.21
N LYS A 82 19.91 -22.63 2.97
CA LYS A 82 19.28 -23.88 2.66
C LYS A 82 19.04 -24.67 3.95
N ARG A 83 17.95 -25.42 4.01
CA ARG A 83 17.70 -26.30 5.15
C ARG A 83 16.66 -27.35 4.80
N GLU A 84 16.57 -28.40 5.63
CA GLU A 84 15.56 -29.45 5.51
C GLU A 84 14.37 -29.06 6.35
N GLU A 85 13.19 -29.46 5.93
CA GLU A 85 11.94 -29.23 6.65
C GLU A 85 11.34 -30.58 6.96
N ILE A 86 11.20 -30.83 8.26
CA ILE A 86 10.65 -32.08 8.76
C ILE A 86 9.40 -31.72 9.55
N ARG A 87 8.25 -32.29 9.17
CA ARG A 87 7.00 -31.97 9.79
C ARG A 87 6.41 -33.23 10.41
N GLY A 88 6.25 -33.20 11.72
CA GLY A 88 5.83 -34.37 12.49
C GLY A 88 6.50 -35.67 12.09
N GLY A 89 7.83 -35.66 12.11
CA GLY A 89 8.63 -36.86 11.78
C GLY A 89 8.77 -37.26 10.30
N VAL A 90 8.07 -36.56 9.42
CA VAL A 90 8.13 -36.82 7.97
C VAL A 90 8.99 -35.81 7.23
N HIS A 91 10.04 -36.29 6.56
CA HIS A 91 10.91 -35.40 5.78
C HIS A 91 10.11 -34.89 4.58
N TYR A 92 9.82 -33.59 4.60
CA TYR A 92 8.88 -33.00 3.62
C TYR A 92 9.57 -32.27 2.45
N TYR A 93 10.35 -31.24 2.77
CA TYR A 93 11.01 -30.42 1.76
C TYR A 93 12.49 -30.24 2.02
N THR A 94 13.22 -29.90 0.97
CA THR A 94 14.47 -29.14 1.11
C THR A 94 14.14 -27.75 0.57
N TYR A 95 14.32 -26.73 1.39
CA TYR A 95 14.13 -25.35 1.00
C TYR A 95 15.48 -24.74 0.61
N GLU A 96 15.59 -24.18 -0.60
CA GLU A 96 16.76 -23.36 -0.99
C GLU A 96 16.33 -21.97 -1.40
N HIS A 97 16.93 -20.96 -0.78
CA HIS A 97 16.68 -19.57 -1.16
C HIS A 97 17.18 -19.28 -2.55
N LEU A 98 16.37 -18.64 -3.38
CA LEU A 98 16.86 -18.03 -4.57
C LEU A 98 17.24 -16.61 -4.20
N VAL A 99 17.44 -15.73 -5.16
CA VAL A 99 17.77 -14.35 -4.83
C VAL A 99 16.75 -13.70 -3.86
N THR A 100 17.27 -13.01 -2.85
CA THR A 100 16.48 -12.26 -1.91
C THR A 100 17.08 -10.90 -1.84
N THR A 101 16.25 -9.89 -1.62
CA THR A 101 16.72 -8.50 -1.55
C THR A 101 15.97 -7.68 -0.53
N ASN A 102 16.68 -6.79 0.13
CA ASN A 102 16.04 -5.90 1.09
C ASN A 102 15.19 -4.81 0.44
N GLN A 103 15.24 -4.73 -0.89
CA GLN A 103 14.35 -3.85 -1.63
C GLN A 103 12.99 -4.44 -1.79
N ASP A 104 12.80 -5.70 -1.41
CA ASP A 104 11.45 -6.30 -1.34
C ASP A 104 11.47 -7.45 -0.37
N PRO A 105 11.44 -7.11 0.91
CA PRO A 105 11.47 -8.14 1.92
C PRO A 105 10.30 -9.12 1.83
N GLY A 106 9.23 -8.74 1.14
CA GLY A 106 8.07 -9.62 0.98
C GLY A 106 8.20 -10.65 -0.11
N LEU A 107 9.27 -10.60 -0.89
CA LEU A 107 9.54 -11.59 -1.95
C LEU A 107 10.39 -12.73 -1.42
N MET A 108 9.82 -13.94 -1.41
CA MET A 108 10.54 -15.12 -0.97
C MET A 108 10.44 -16.16 -2.08
N ALA A 109 11.51 -16.26 -2.82
CA ALA A 109 11.60 -17.16 -3.95
C ALA A 109 12.47 -18.32 -3.59
N LEU A 110 11.93 -19.52 -3.82
CA LEU A 110 12.54 -20.75 -3.35
C LEU A 110 12.62 -21.81 -4.43
N ARG A 111 13.62 -22.69 -4.30
CA ARG A 111 13.64 -23.96 -5.00
C ARG A 111 13.47 -25.05 -3.95
N LEU A 112 12.53 -25.95 -4.17
CA LEU A 112 12.27 -27.03 -3.25
C LEU A 112 12.48 -28.39 -3.90
N ASP A 113 13.11 -29.27 -3.14
CA ASP A 113 13.07 -30.72 -3.41
C ASP A 113 11.94 -31.28 -2.63
N LEU A 114 11.22 -32.21 -3.24
CA LEU A 114 10.13 -32.86 -2.53
C LEU A 114 10.53 -34.23 -2.08
N HIS A 115 10.25 -34.54 -0.81
CA HIS A 115 10.68 -35.81 -0.20
C HIS A 115 9.55 -36.73 0.28
N SER A 116 8.35 -36.23 0.49
CA SER A 116 7.25 -37.03 0.97
C SER A 116 6.38 -37.49 -0.16
N ASP A 117 5.46 -38.41 0.15
CA ASP A 117 4.59 -39.07 -0.83
C ASP A 117 3.39 -39.70 -0.11
N ASP A 118 2.69 -40.63 -0.77
CA ASP A 118 1.43 -41.19 -0.25
C ASP A 118 1.63 -42.19 0.89
N GLU A 119 2.82 -42.81 0.96
CA GLU A 119 3.20 -43.72 2.06
C GLU A 119 3.37 -42.99 3.38
N GLN A 120 3.31 -41.67 3.35
CA GLN A 120 3.48 -40.82 4.51
C GLN A 120 2.22 -40.03 4.77
N PRO A 121 2.00 -39.65 6.04
CA PRO A 121 0.82 -38.85 6.24
C PRO A 121 0.95 -37.43 5.69
N LEU A 122 -0.20 -36.85 5.40
CA LEU A 122 -0.34 -35.50 4.94
C LEU A 122 0.13 -34.53 6.01
N ARG A 123 0.88 -33.49 5.63
CA ARG A 123 1.23 -32.43 6.59
C ARG A 123 1.04 -31.07 5.95
N LEU A 124 -0.23 -30.64 5.95
CA LEU A 124 -0.59 -29.33 5.43
C LEU A 124 0.11 -28.29 6.25
N ASN A 125 0.42 -27.16 5.62
CA ASN A 125 0.77 -25.94 6.42
C ASN A 125 -0.50 -25.24 6.89
N GLY A 126 -0.37 -24.08 7.53
CA GLY A 126 -1.53 -23.30 7.95
C GLY A 126 -1.92 -22.21 6.97
N GLY A 127 -1.32 -22.25 5.78
CA GLY A 127 -1.45 -21.15 4.83
C GLY A 127 -0.61 -19.96 5.25
N HIS A 128 -0.50 -18.95 4.38
CA HIS A 128 0.26 -17.77 4.72
C HIS A 128 -0.26 -16.56 3.99
N GLY A 129 0.15 -15.38 4.49
CA GLY A 129 -0.29 -14.10 3.98
C GLY A 129 0.05 -13.83 2.51
N SER A 130 1.14 -14.42 2.04
CA SER A 130 1.62 -14.15 0.71
C SER A 130 0.85 -14.92 -0.33
N ARG A 131 0.72 -14.30 -1.49
CA ARG A 131 0.29 -14.99 -2.65
C ARG A 131 1.44 -15.88 -3.08
N GLU A 132 1.13 -16.87 -3.90
CA GLU A 132 2.11 -17.82 -4.29
C GLU A 132 1.86 -18.31 -5.68
N ILE A 133 2.94 -18.39 -6.46
CA ILE A 133 2.90 -19.12 -7.69
C ILE A 133 4.01 -20.14 -7.68
N VAL A 134 3.67 -21.36 -8.06
CA VAL A 134 4.57 -22.47 -8.08
C VAL A 134 4.65 -23.05 -9.48
N TYR A 135 5.84 -23.44 -9.87
CA TYR A 135 6.09 -24.02 -11.20
C TYR A 135 6.92 -25.30 -11.05
N VAL A 136 6.54 -26.33 -11.78
CA VAL A 136 7.17 -27.63 -11.61
C VAL A 136 8.31 -27.79 -12.58
N THR A 137 9.55 -27.80 -12.05
CA THR A 137 10.73 -27.97 -12.88
C THR A 137 11.01 -29.41 -13.23
N ARG A 138 10.56 -30.36 -12.41
CA ARG A 138 10.94 -31.77 -12.63
C ARG A 138 10.02 -32.72 -11.88
N GLY A 139 9.58 -33.76 -12.57
CA GLY A 139 8.86 -34.84 -11.93
C GLY A 139 7.39 -34.61 -11.98
N ALA A 140 6.69 -35.32 -11.10
CA ALA A 140 5.21 -35.22 -11.02
C ALA A 140 4.81 -34.98 -9.59
N VAL A 141 4.02 -33.94 -9.37
CA VAL A 141 3.84 -33.40 -8.04
C VAL A 141 2.37 -33.47 -7.62
N ARG A 142 2.13 -34.10 -6.49
CA ARG A 142 0.80 -34.16 -5.92
C ARG A 142 0.60 -32.90 -5.10
N VAL A 143 -0.44 -32.15 -5.40
CA VAL A 143 -0.74 -30.97 -4.63
C VAL A 143 -2.06 -31.22 -3.93
N ARG A 144 -2.07 -30.94 -2.63
CA ARG A 144 -3.28 -31.06 -1.84
C ARG A 144 -3.50 -29.74 -1.12
N TRP A 145 -4.76 -29.33 -1.04
CA TRP A 145 -5.09 -28.10 -0.36
C TRP A 145 -6.48 -28.14 0.19
N VAL A 146 -6.78 -27.19 1.06
CA VAL A 146 -8.07 -27.09 1.67
C VAL A 146 -8.93 -26.06 0.90
N GLY A 147 -10.04 -26.54 0.35
CA GLY A 147 -10.84 -25.76 -0.57
C GLY A 147 -12.01 -25.09 0.09
N ASP A 148 -13.06 -24.88 -0.69
CA ASP A 148 -14.34 -24.34 -0.19
C ASP A 148 -14.96 -25.30 0.80
N ASN A 149 -15.55 -24.74 1.85
CA ASN A 149 -16.21 -25.52 2.89
C ASN A 149 -15.25 -26.45 3.62
N ASP A 150 -13.98 -26.06 3.68
CA ASP A 150 -12.94 -26.83 4.37
C ASP A 150 -12.82 -28.28 3.92
N GLU A 151 -13.06 -28.52 2.64
CA GLU A 151 -12.89 -29.85 2.04
C GLU A 151 -11.51 -29.98 1.37
N LEU A 152 -10.86 -31.13 1.56
CA LEU A 152 -9.61 -31.44 0.90
C LEU A 152 -9.74 -31.70 -0.59
N LYS A 153 -8.83 -31.11 -1.34
CA LYS A 153 -8.82 -31.21 -2.79
C LYS A 153 -7.46 -31.69 -3.16
N GLU A 154 -7.35 -32.22 -4.36
CA GLU A 154 -6.05 -32.70 -4.82
C GLU A 154 -5.97 -32.68 -6.34
N ASP A 155 -4.74 -32.63 -6.85
CA ASP A 155 -4.51 -32.68 -8.28
C ASP A 155 -3.05 -33.07 -8.47
N VAL A 156 -2.67 -33.34 -9.71
CA VAL A 156 -1.30 -33.68 -10.02
C VAL A 156 -0.75 -32.67 -11.01
N LEU A 157 0.43 -32.14 -10.69
CA LEU A 157 1.09 -31.16 -11.53
C LEU A 157 2.31 -31.84 -12.11
N ASN A 158 2.42 -31.83 -13.43
CA ASN A 158 3.59 -32.37 -14.12
C ASN A 158 4.52 -31.24 -14.55
N GLU A 159 5.67 -31.62 -15.08
CA GLU A 159 6.69 -30.70 -15.44
C GLU A 159 6.14 -29.63 -16.38
N GLY A 160 6.27 -28.36 -16.01
CA GLY A 160 5.80 -27.24 -16.80
C GLY A 160 4.45 -26.68 -16.41
N ASP A 161 3.77 -27.40 -15.54
CA ASP A 161 2.49 -26.96 -15.03
C ASP A 161 2.78 -25.94 -13.96
N SER A 162 1.78 -25.14 -13.61
CA SER A 162 1.94 -24.13 -12.58
C SER A 162 0.67 -23.94 -11.80
N ILE A 163 0.78 -23.31 -10.62
CA ILE A 163 -0.39 -23.11 -9.77
C ILE A 163 -0.27 -21.85 -8.96
N PHE A 164 -1.38 -21.14 -8.84
CA PHE A 164 -1.45 -19.94 -8.06
C PHE A 164 -2.28 -20.28 -6.84
N ILE A 165 -1.83 -19.83 -5.67
CA ILE A 165 -2.53 -20.08 -4.41
C ILE A 165 -2.82 -18.80 -3.66
N LEU A 166 -4.10 -18.58 -3.39
CA LEU A 166 -4.58 -17.37 -2.73
C LEU A 166 -4.08 -17.35 -1.29
N PRO A 167 -3.95 -16.17 -0.69
CA PRO A 167 -3.39 -16.15 0.67
C PRO A 167 -4.18 -17.00 1.64
N ASN A 168 -3.46 -17.63 2.54
CA ASN A 168 -4.03 -18.35 3.68
C ASN A 168 -4.77 -19.62 3.30
N VAL A 169 -4.66 -20.07 2.05
CA VAL A 169 -5.11 -21.44 1.68
C VAL A 169 -4.06 -22.43 2.14
N PRO A 170 -4.46 -23.40 2.97
CA PRO A 170 -3.48 -24.37 3.44
C PRO A 170 -3.16 -25.37 2.33
N HIS A 171 -1.89 -25.77 2.20
CA HIS A 171 -1.50 -26.63 1.11
C HIS A 171 -0.25 -27.43 1.37
N SER A 172 -0.04 -28.42 0.50
CA SER A 172 1.07 -29.35 0.59
C SER A 172 1.47 -29.86 -0.79
N PHE A 173 2.78 -30.01 -1.00
CA PHE A 173 3.30 -30.56 -2.26
C PHE A 173 4.10 -31.78 -1.92
N THR A 174 3.76 -32.89 -2.56
CA THR A 174 4.45 -34.18 -2.34
C THR A 174 4.65 -34.84 -3.69
N ASN A 175 5.50 -35.86 -3.71
CA ASN A 175 5.71 -36.62 -4.94
C ASN A 175 4.50 -37.49 -5.22
N HIS A 176 4.11 -37.52 -6.47
CA HIS A 176 2.98 -38.29 -6.91
C HIS A 176 3.29 -39.77 -6.87
N VAL A 177 4.53 -40.12 -7.23
CA VAL A 177 4.96 -41.51 -7.35
C VAL A 177 5.66 -42.02 -6.11
N GLY A 178 6.64 -41.30 -5.62
CA GLY A 178 7.25 -41.71 -4.34
C GLY A 178 8.47 -42.54 -4.61
N GLY A 179 9.56 -42.15 -3.97
CA GLY A 179 10.86 -42.53 -4.44
C GLY A 179 11.26 -41.84 -5.73
N ALA A 180 10.30 -41.23 -6.45
CA ALA A 180 10.62 -40.44 -7.64
C ALA A 180 10.64 -38.98 -7.22
N LYS A 181 11.83 -38.45 -6.97
CA LYS A 181 11.94 -37.15 -6.36
C LYS A 181 11.81 -35.96 -7.33
N SER A 182 10.83 -35.12 -7.02
CA SER A 182 10.39 -33.99 -7.85
C SER A 182 10.94 -32.64 -7.33
N GLU A 183 10.81 -31.61 -8.16
CA GLU A 183 11.36 -30.32 -7.89
C GLU A 183 10.38 -29.23 -8.31
N ILE A 184 10.30 -28.17 -7.51
CA ILE A 184 9.47 -27.03 -7.85
C ILE A 184 10.19 -25.74 -7.54
N ILE A 185 9.69 -24.67 -8.12
CA ILE A 185 10.09 -23.32 -7.78
C ILE A 185 8.86 -22.68 -7.19
N ALA A 186 9.00 -22.04 -6.03
CA ALA A 186 7.89 -21.38 -5.37
C ALA A 186 8.24 -19.94 -5.15
N ILE A 187 7.39 -19.04 -5.60
CA ILE A 187 7.60 -17.61 -5.46
C ILE A 187 6.47 -17.01 -4.63
N ASN A 188 6.80 -16.49 -3.46
CA ASN A 188 5.82 -15.86 -2.57
C ASN A 188 6.05 -14.39 -2.63
N TYR A 189 4.97 -13.63 -2.69
CA TYR A 189 5.11 -12.20 -2.88
C TYR A 189 3.89 -11.50 -2.28
N GLY A 190 4.06 -10.23 -2.01
CA GLY A 190 2.95 -9.38 -1.56
C GLY A 190 2.53 -9.76 -0.19
N ARG B 4 -23.25 1.85 -24.39
CA ARG B 4 -23.55 0.61 -25.22
C ARG B 4 -22.34 0.25 -26.10
N THR B 5 -21.74 1.26 -26.75
CA THR B 5 -20.44 1.17 -27.45
C THR B 5 -19.31 1.60 -26.50
N LEU B 6 -18.72 0.63 -25.79
CA LEU B 6 -17.93 0.96 -24.59
C LEU B 6 -16.58 1.34 -25.06
N ALA B 7 -16.10 2.48 -24.60
CA ALA B 7 -14.78 2.94 -24.94
C ALA B 7 -13.80 2.69 -23.79
N VAL B 8 -12.60 2.26 -24.14
CA VAL B 8 -11.51 2.13 -23.20
C VAL B 8 -10.32 2.88 -23.79
N GLY B 9 -9.54 3.56 -22.94
CA GLY B 9 -8.35 4.27 -23.38
C GLY B 9 -7.36 3.34 -24.05
N LYS B 10 -6.92 3.70 -25.24
CA LYS B 10 -6.03 2.87 -26.06
C LYS B 10 -4.69 2.65 -25.38
N ALA B 11 -4.04 3.74 -25.00
CA ALA B 11 -2.72 3.67 -24.37
C ALA B 11 -2.75 2.74 -23.16
N HIS B 12 -3.75 2.94 -22.30
CA HIS B 12 -3.94 2.11 -21.13
C HIS B 12 -4.14 0.66 -21.50
N LEU B 13 -5.04 0.38 -22.42
CA LEU B 13 -5.24 -1.01 -22.83
C LEU B 13 -3.95 -1.60 -23.45
N GLU B 14 -3.23 -0.82 -24.25
CA GLU B 14 -1.96 -1.30 -24.80
C GLU B 14 -0.94 -1.65 -23.69
N ALA B 15 -0.91 -0.88 -22.62
CA ALA B 15 0.00 -1.18 -21.54
C ALA B 15 -0.42 -2.49 -20.87
N LEU B 16 -1.72 -2.70 -20.69
CA LEU B 16 -2.19 -3.95 -20.12
C LEU B 16 -1.83 -5.13 -20.98
N LEU B 17 -2.00 -4.99 -22.27
CA LEU B 17 -1.65 -6.04 -23.20
C LEU B 17 -0.16 -6.36 -23.16
N ALA B 18 0.65 -5.32 -23.01
CA ALA B 18 2.10 -5.49 -22.99
C ALA B 18 2.59 -6.26 -21.75
N THR B 19 1.95 -6.07 -20.61
CA THR B 19 2.27 -6.89 -19.45
C THR B 19 1.93 -8.36 -19.70
N ARG B 20 1.04 -8.66 -20.66
CA ARG B 20 0.69 -10.03 -20.99
C ARG B 20 1.44 -10.46 -22.27
N LYS B 21 2.39 -9.66 -22.72
CA LYS B 21 3.15 -9.91 -23.96
C LYS B 21 2.22 -10.04 -25.16
N MET B 22 1.24 -9.17 -25.22
CA MET B 22 0.33 -9.12 -26.35
C MET B 22 0.30 -7.70 -26.94
N THR B 23 -0.34 -7.58 -28.09
CA THR B 23 -0.65 -6.31 -28.75
C THR B 23 -2.11 -6.33 -29.12
N LEU B 24 -2.57 -5.22 -29.67
CA LEU B 24 -3.95 -5.09 -30.11
C LEU B 24 -4.35 -6.10 -31.17
N GLU B 25 -3.37 -6.65 -31.88
CA GLU B 25 -3.66 -7.61 -32.93
C GLU B 25 -4.19 -8.90 -32.31
N HIS B 26 -3.88 -9.14 -31.04
CA HIS B 26 -4.31 -10.36 -30.33
C HIS B 26 -5.74 -10.31 -29.77
N LEU B 27 -6.39 -9.15 -29.88
CA LEU B 27 -7.79 -9.02 -29.54
C LEU B 27 -8.63 -9.22 -30.79
N GLN B 28 -9.64 -10.07 -30.68
CA GLN B 28 -10.55 -10.26 -31.79
C GLN B 28 -11.44 -9.09 -31.82
N ASP B 29 -11.75 -8.67 -33.03
CA ASP B 29 -13.00 -7.97 -33.29
C ASP B 29 -13.15 -6.67 -32.52
N VAL B 30 -12.05 -6.00 -32.17
CA VAL B 30 -12.18 -4.65 -31.64
C VAL B 30 -11.79 -3.68 -32.72
N ARG B 31 -12.42 -2.52 -32.68
CA ARG B 31 -12.05 -1.44 -33.56
C ARG B 31 -11.39 -0.40 -32.65
N HIS B 32 -10.65 0.51 -33.25
CA HIS B 32 -10.04 1.56 -32.48
C HIS B 32 -9.87 2.83 -33.30
N ASP B 33 -9.45 3.90 -32.62
CA ASP B 33 -9.05 5.13 -33.29
C ASP B 33 -7.76 5.55 -32.63
N ALA B 34 -7.38 6.81 -32.77
CA ALA B 34 -6.10 7.25 -32.24
C ALA B 34 -5.98 7.10 -30.71
N THR B 35 -7.10 7.24 -30.00
CA THR B 35 -7.09 7.39 -28.53
C THR B 35 -7.96 6.39 -27.74
N GLN B 36 -8.82 5.66 -28.43
CA GLN B 36 -9.78 4.81 -27.76
C GLN B 36 -10.02 3.48 -28.50
N VAL B 37 -10.40 2.46 -27.74
CA VAL B 37 -10.68 1.13 -28.27
C VAL B 37 -12.13 0.84 -27.96
N TYR B 38 -12.84 0.30 -28.95
CA TYR B 38 -14.27 0.22 -28.83
C TYR B 38 -14.72 -1.22 -28.75
N PHE B 39 -15.68 -1.45 -27.86
CA PHE B 39 -16.25 -2.75 -27.66
C PHE B 39 -17.74 -2.71 -27.94
N ASP B 40 -18.24 -3.73 -28.63
CA ASP B 40 -19.69 -3.92 -28.87
C ASP B 40 -20.59 -3.75 -27.65
N GLY B 41 -20.12 -4.13 -26.47
CA GLY B 41 -20.93 -4.00 -25.26
C GLY B 41 -20.23 -4.60 -24.06
N LEU B 42 -20.89 -4.61 -22.91
CA LEU B 42 -20.31 -5.21 -21.71
C LEU B 42 -19.94 -6.65 -21.95
N GLU B 43 -20.74 -7.36 -22.74
CA GLU B 43 -20.54 -8.80 -22.94
C GLU B 43 -19.20 -9.01 -23.64
N HIS B 44 -18.93 -8.21 -24.66
CA HIS B 44 -17.64 -8.20 -25.36
C HIS B 44 -16.46 -7.82 -24.43
N LEU B 45 -16.60 -6.78 -23.64
CA LEU B 45 -15.58 -6.38 -22.71
C LEU B 45 -15.29 -7.46 -21.67
N GLN B 46 -16.34 -8.13 -21.16
CA GLN B 46 -16.20 -9.19 -20.16
C GLN B 46 -15.42 -10.38 -20.75
N ASN B 47 -15.57 -10.63 -22.05
CA ASN B 47 -14.78 -11.66 -22.74
C ASN B 47 -13.32 -11.34 -22.82
N VAL B 48 -13.00 -10.08 -23.14
CA VAL B 48 -11.62 -9.69 -23.23
C VAL B 48 -10.97 -9.74 -21.85
N ALA B 49 -11.66 -9.21 -20.86
CA ALA B 49 -11.22 -9.34 -19.48
C ALA B 49 -10.90 -10.80 -19.08
N GLN B 50 -11.75 -11.72 -19.50
CA GLN B 50 -11.56 -13.13 -19.23
C GLN B 50 -10.30 -13.64 -19.93
N TYR B 51 -10.17 -13.28 -21.20
CA TYR B 51 -9.04 -13.65 -22.03
C TYR B 51 -7.73 -13.11 -21.49
N LEU B 52 -7.74 -11.90 -20.94
CA LEU B 52 -6.52 -11.33 -20.36
C LEU B 52 -6.34 -11.68 -18.91
N ALA B 53 -7.30 -12.42 -18.35
CA ALA B 53 -7.28 -12.76 -16.94
C ALA B 53 -7.11 -11.53 -16.05
N ILE B 54 -7.82 -10.45 -16.38
CA ILE B 54 -7.88 -9.26 -15.55
C ILE B 54 -9.32 -9.00 -15.16
N PRO B 55 -9.55 -8.34 -14.02
CA PRO B 55 -10.92 -7.98 -13.74
C PRO B 55 -11.33 -6.72 -14.53
N LEU B 56 -12.62 -6.56 -14.74
CA LEU B 56 -13.20 -5.51 -15.53
C LEU B 56 -12.76 -4.14 -15.03
N SER B 57 -12.67 -4.00 -13.72
CA SER B 57 -12.20 -2.76 -13.13
C SER B 57 -10.88 -2.26 -13.70
N GLU B 58 -9.97 -3.17 -14.06
CA GLU B 58 -8.64 -2.75 -14.48
C GLU B 58 -8.68 -1.86 -15.72
N PHE B 59 -9.71 -2.06 -16.55
CA PHE B 59 -9.79 -1.36 -17.82
C PHE B 59 -10.02 0.13 -17.62
N PHE B 60 -10.49 0.51 -16.43
CA PHE B 60 -10.73 1.90 -16.08
C PHE B 60 -9.80 2.50 -15.03
N VAL B 61 -8.88 1.71 -14.49
CA VAL B 61 -7.89 2.24 -13.54
C VAL B 61 -7.05 3.38 -14.13
N GLY B 62 -6.91 4.45 -13.35
CA GLY B 62 -6.20 5.65 -13.79
C GLY B 62 -6.93 6.46 -14.87
N GLN B 63 -8.06 5.99 -15.38
CA GLN B 63 -8.68 6.65 -16.53
C GLN B 63 -9.72 7.69 -16.15
N THR B 64 -9.94 7.96 -14.86
CA THR B 64 -10.86 9.04 -14.52
C THR B 64 -10.11 10.34 -14.57
N GLN B 65 -10.72 11.35 -15.19
CA GLN B 65 -10.08 12.66 -15.28
C GLN B 65 -10.02 13.39 -13.93
N SER B 66 -8.83 13.87 -13.56
CA SER B 66 -8.64 14.57 -12.29
C SER B 66 -9.59 15.73 -12.14
N ASP B 67 -10.14 15.93 -10.95
CA ASP B 67 -11.01 17.08 -10.67
C ASP B 67 -10.23 18.25 -10.04
N LEU B 68 -8.92 18.15 -10.01
CA LEU B 68 -8.08 19.20 -9.48
C LEU B 68 -7.77 20.23 -10.54
N ASP B 69 -7.47 21.46 -10.10
CA ASP B 69 -7.02 22.54 -10.96
C ASP B 69 -5.72 23.01 -10.38
N ASP B 70 -4.63 22.71 -11.08
CA ASP B 70 -3.29 23.11 -10.70
C ASP B 70 -2.84 22.47 -9.40
N GLY B 71 -3.20 21.20 -9.19
CA GLY B 71 -2.74 20.45 -8.03
C GLY B 71 -3.61 20.60 -6.79
N VAL B 72 -4.76 21.24 -6.93
CA VAL B 72 -5.52 21.73 -5.79
C VAL B 72 -7.03 21.66 -6.06
N LYS B 73 -7.85 21.65 -5.02
CA LYS B 73 -9.26 21.77 -5.21
C LYS B 73 -9.89 22.48 -4.02
N ILE B 74 -10.80 23.40 -4.34
CA ILE B 74 -11.37 24.31 -3.36
C ILE B 74 -12.86 24.08 -3.26
N ALA B 75 -13.38 24.13 -2.06
CA ALA B 75 -14.81 24.02 -1.85
C ALA B 75 -15.21 25.11 -0.92
N ARG B 76 -16.48 25.46 -1.03
CA ARG B 76 -17.03 26.63 -0.38
C ARG B 76 -18.06 26.19 0.59
N ARG B 77 -18.13 26.89 1.71
CA ARG B 77 -19.13 26.62 2.71
C ARG B 77 -20.48 26.59 2.04
N ASN B 78 -21.30 25.62 2.40
CA ASN B 78 -22.66 25.49 1.87
C ASN B 78 -22.69 25.27 0.38
N GLY B 79 -21.56 24.88 -0.20
CA GLY B 79 -21.44 24.72 -1.64
C GLY B 79 -21.67 23.30 -2.17
N GLY B 80 -21.72 22.32 -1.25
CA GLY B 80 -21.88 20.90 -1.62
C GLY B 80 -22.94 20.09 -0.87
N PHE B 81 -22.78 18.77 -0.91
CA PHE B 81 -23.82 17.87 -0.43
C PHE B 81 -24.05 18.01 1.05
N LYS B 82 -25.30 17.87 1.46
CA LYS B 82 -25.65 17.80 2.87
C LYS B 82 -26.99 17.17 3.09
N ARG B 83 -27.15 16.61 4.26
CA ARG B 83 -28.37 15.93 4.61
C ARG B 83 -28.47 15.75 6.10
N GLU B 84 -29.68 15.46 6.57
CA GLU B 84 -29.93 15.13 7.96
C GLU B 84 -29.78 13.65 8.13
N GLU B 85 -29.35 13.24 9.32
CA GLU B 85 -29.16 11.84 9.66
C GLU B 85 -30.01 11.57 10.85
N ILE B 86 -30.95 10.64 10.67
CA ILE B 86 -31.88 10.26 11.70
C ILE B 86 -31.67 8.78 11.95
N ARG B 87 -31.36 8.40 13.20
CA ARG B 87 -31.05 7.02 13.54
C ARG B 87 -32.07 6.52 14.56
N GLY B 88 -32.85 5.51 14.17
CA GLY B 88 -33.98 5.01 14.97
C GLY B 88 -34.84 6.10 15.58
N GLY B 89 -35.35 6.99 14.73
CA GLY B 89 -36.21 8.11 15.16
C GLY B 89 -35.57 9.32 15.87
N VAL B 90 -34.27 9.25 16.13
CA VAL B 90 -33.56 10.34 16.84
C VAL B 90 -32.74 11.19 15.85
N HIS B 91 -33.02 12.49 15.77
CA HIS B 91 -32.26 13.41 14.90
C HIS B 91 -30.84 13.57 15.44
N TYR B 92 -29.88 12.99 14.74
CA TYR B 92 -28.51 12.82 15.26
C TYR B 92 -27.52 13.86 14.73
N TYR B 93 -27.33 13.89 13.41
CA TYR B 93 -26.39 14.80 12.80
C TYR B 93 -27.01 15.61 11.66
N THR B 94 -26.37 16.73 11.33
CA THR B 94 -26.43 17.28 10.00
C THR B 94 -25.03 17.06 9.40
N TYR B 95 -24.96 16.34 8.29
CA TYR B 95 -23.70 16.08 7.60
C TYR B 95 -23.55 17.08 6.49
N GLU B 96 -22.43 17.81 6.44
CA GLU B 96 -22.09 18.65 5.30
C GLU B 96 -20.72 18.26 4.74
N HIS B 97 -20.67 17.94 3.45
CA HIS B 97 -19.42 17.62 2.78
C HIS B 97 -18.50 18.83 2.75
N LEU B 98 -17.24 18.65 3.09
CA LEU B 98 -16.22 19.62 2.77
C LEU B 98 -15.63 19.18 1.44
N VAL B 99 -14.48 19.72 1.05
CA VAL B 99 -13.91 19.37 -0.25
C VAL B 99 -13.77 17.85 -0.37
N THR B 100 -14.18 17.33 -1.54
CA THR B 100 -13.96 15.92 -1.90
C THR B 100 -13.33 15.88 -3.24
N THR B 101 -12.47 14.90 -3.46
CA THR B 101 -11.76 14.80 -4.72
C THR B 101 -11.66 13.37 -5.15
N ASN B 102 -11.80 13.13 -6.44
CA ASN B 102 -11.57 11.80 -7.01
C ASN B 102 -10.11 11.37 -7.04
N GLN B 103 -9.21 12.28 -6.69
CA GLN B 103 -7.79 11.92 -6.49
C GLN B 103 -7.50 11.31 -5.13
N ASP B 104 -8.48 11.30 -4.24
CA ASP B 104 -8.37 10.52 -3.03
C ASP B 104 -9.76 10.14 -2.56
N PRO B 105 -10.35 9.11 -3.16
CA PRO B 105 -11.69 8.70 -2.78
C PRO B 105 -11.78 8.22 -1.34
N GLY B 106 -10.65 7.91 -0.73
CA GLY B 106 -10.63 7.51 0.68
C GLY B 106 -10.70 8.67 1.67
N LEU B 107 -10.67 9.92 1.17
CA LEU B 107 -10.79 11.11 2.04
C LEU B 107 -12.23 11.60 2.09
N MET B 108 -12.81 11.55 3.28
CA MET B 108 -14.16 12.08 3.49
C MET B 108 -14.10 13.06 4.65
N ALA B 109 -14.13 14.33 4.30
CA ALA B 109 -14.05 15.40 5.29
C ALA B 109 -15.42 16.03 5.41
N LEU B 110 -15.89 16.13 6.65
CA LEU B 110 -17.23 16.59 6.95
C LEU B 110 -17.26 17.68 8.02
N ARG B 111 -18.29 18.51 7.95
CA ARG B 111 -18.68 19.37 9.05
C ARG B 111 -20.01 18.83 9.56
N LEU B 112 -20.12 18.58 10.84
CA LEU B 112 -21.35 18.10 11.42
C LEU B 112 -21.92 19.05 12.44
N ASP B 113 -23.24 19.24 12.38
CA ASP B 113 -24.00 19.80 13.49
C ASP B 113 -24.48 18.66 14.35
N LEU B 114 -24.41 18.83 15.66
CA LEU B 114 -24.88 17.76 16.53
C LEU B 114 -26.25 18.10 17.09
N HIS B 115 -27.17 17.14 17.02
CA HIS B 115 -28.59 17.37 17.44
C HIS B 115 -29.09 16.52 18.61
N SER B 116 -28.43 15.41 18.91
CA SER B 116 -28.86 14.58 20.02
C SER B 116 -28.10 14.92 21.30
N ASP B 117 -28.59 14.36 22.41
CA ASP B 117 -28.00 14.55 23.74
C ASP B 117 -28.38 13.35 24.67
N ASP B 118 -28.24 13.50 25.98
CA ASP B 118 -28.49 12.41 26.95
C ASP B 118 -29.97 12.05 27.17
N GLU B 119 -30.87 13.00 26.90
CA GLU B 119 -32.34 12.77 26.98
C GLU B 119 -32.84 11.94 25.78
N GLN B 120 -31.93 11.52 24.88
CA GLN B 120 -32.23 10.57 23.80
C GLN B 120 -31.37 9.33 23.92
N PRO B 121 -31.84 8.22 23.34
CA PRO B 121 -30.98 7.05 23.42
C PRO B 121 -29.71 7.14 22.54
N LEU B 122 -28.70 6.39 22.96
CA LEU B 122 -27.45 6.26 22.25
C LEU B 122 -27.68 5.57 20.90
N ARG B 123 -27.06 6.08 19.84
CA ARG B 123 -27.09 5.40 18.56
C ARG B 123 -25.68 5.36 17.96
N LEU B 124 -24.89 4.38 18.43
CA LEU B 124 -23.56 4.12 17.89
C LEU B 124 -23.64 3.73 16.42
N ASN B 125 -22.60 4.05 15.66
CA ASN B 125 -22.43 3.47 14.33
C ASN B 125 -21.81 2.07 14.46
N GLY B 126 -21.48 1.41 13.34
CA GLY B 126 -20.77 0.12 13.37
C GLY B 126 -19.25 0.25 13.23
N GLY B 127 -18.72 1.47 13.31
CA GLY B 127 -17.33 1.73 12.97
C GLY B 127 -17.10 1.69 11.47
N HIS B 128 -15.91 2.07 11.03
CA HIS B 128 -15.61 2.04 9.59
C HIS B 128 -14.12 1.88 9.35
N GLY B 129 -13.80 1.51 8.11
CA GLY B 129 -12.43 1.20 7.69
C GLY B 129 -11.43 2.36 7.78
N SER B 130 -11.94 3.59 7.68
CA SER B 130 -11.08 4.76 7.73
C SER B 130 -10.62 5.13 9.11
N ARG B 131 -9.40 5.67 9.18
CA ARG B 131 -8.97 6.37 10.37
C ARG B 131 -9.72 7.66 10.43
N GLU B 132 -9.79 8.24 11.62
CA GLU B 132 -10.56 9.45 11.81
C GLU B 132 -9.91 10.38 12.78
N ILE B 133 -9.89 11.66 12.42
CA ILE B 133 -9.57 12.68 13.37
C ILE B 133 -10.67 13.70 13.37
N VAL B 134 -11.11 14.08 14.56
CA VAL B 134 -12.22 15.01 14.76
C VAL B 134 -11.72 16.15 15.60
N TYR B 135 -12.21 17.33 15.27
CA TYR B 135 -11.87 18.57 15.99
C TYR B 135 -13.14 19.34 16.32
N VAL B 136 -13.24 19.85 17.54
CA VAL B 136 -14.44 20.52 17.96
C VAL B 136 -14.32 22.01 17.67
N THR B 137 -15.12 22.49 16.72
CA THR B 137 -15.17 23.91 16.41
C THR B 137 -16.04 24.74 17.33
N ARG B 138 -17.05 24.15 17.96
CA ARG B 138 -17.98 24.91 18.76
C ARG B 138 -18.78 24.05 19.74
N GLY B 139 -18.90 24.51 20.97
CA GLY B 139 -19.68 23.83 21.97
C GLY B 139 -18.92 22.81 22.81
N ALA B 140 -19.67 21.90 23.40
CA ALA B 140 -19.12 20.82 24.21
C ALA B 140 -19.73 19.50 23.75
N VAL B 141 -18.89 18.51 23.50
CA VAL B 141 -19.30 17.33 22.77
C VAL B 141 -19.06 16.08 23.58
N ARG B 142 -20.11 15.31 23.77
CA ARG B 142 -20.02 14.03 24.43
C ARG B 142 -19.61 13.01 23.37
N VAL B 143 -18.51 12.32 23.60
CA VAL B 143 -18.09 11.27 22.70
C VAL B 143 -18.17 9.95 23.43
N ARG B 144 -18.79 8.98 22.78
CA ARG B 144 -18.95 7.65 23.33
C ARG B 144 -18.44 6.69 22.32
N TRP B 145 -17.75 5.67 22.78
CA TRP B 145 -17.25 4.66 21.89
C TRP B 145 -17.14 3.31 22.56
N VAL B 146 -17.01 2.27 21.74
CA VAL B 146 -16.83 0.92 22.26
C VAL B 146 -15.35 0.58 22.35
N GLY B 147 -14.90 0.29 23.58
CA GLY B 147 -13.48 0.13 23.85
C GLY B 147 -13.07 -1.33 23.88
N ASP B 148 -12.05 -1.62 24.69
CA ASP B 148 -11.56 -3.00 24.88
C ASP B 148 -12.62 -3.89 25.56
N ASN B 149 -12.71 -5.13 25.11
CA ASN B 149 -13.70 -6.11 25.59
C ASN B 149 -15.14 -5.62 25.43
N ASP B 150 -15.37 -4.85 24.37
CA ASP B 150 -16.71 -4.35 24.04
C ASP B 150 -17.41 -3.52 25.14
N GLU B 151 -16.62 -2.80 25.94
CA GLU B 151 -17.16 -1.94 27.00
C GLU B 151 -17.31 -0.52 26.49
N LEU B 152 -18.42 0.11 26.84
CA LEU B 152 -18.64 1.52 26.51
C LEU B 152 -17.75 2.47 27.30
N LYS B 153 -17.21 3.45 26.58
CA LYS B 153 -16.36 4.48 27.18
C LYS B 153 -16.92 5.83 26.79
N GLU B 154 -16.55 6.86 27.52
CA GLU B 154 -17.07 8.20 27.25
C GLU B 154 -16.12 9.28 27.76
N ASP B 155 -16.24 10.45 27.15
CA ASP B 155 -15.47 11.61 27.57
C ASP B 155 -16.17 12.83 26.99
N VAL B 156 -15.70 14.01 27.35
CA VAL B 156 -16.28 15.24 26.84
C VAL B 156 -15.18 16.03 26.16
N LEU B 157 -15.47 16.48 24.95
CA LEU B 157 -14.54 17.27 24.17
C LEU B 157 -15.08 18.67 24.08
N ASN B 158 -14.26 19.64 24.46
CA ASN B 158 -14.62 21.03 24.37
C ASN B 158 -13.96 21.68 23.17
N GLU B 159 -14.33 22.93 22.92
CA GLU B 159 -13.87 23.64 21.76
C GLU B 159 -12.34 23.63 21.70
N GLY B 160 -11.79 23.14 20.60
CA GLY B 160 -10.36 23.07 20.39
C GLY B 160 -9.73 21.73 20.75
N ASP B 161 -10.48 20.86 21.41
CA ASP B 161 -10.02 19.52 21.69
C ASP B 161 -10.13 18.70 20.40
N SER B 162 -9.43 17.58 20.32
CA SER B 162 -9.47 16.74 19.14
C SER B 162 -9.32 15.29 19.52
N ILE B 163 -9.71 14.41 18.61
CA ILE B 163 -9.67 12.99 18.92
C ILE B 163 -9.37 12.17 17.68
N PHE B 164 -8.56 11.14 17.88
CA PHE B 164 -8.21 10.22 16.82
C PHE B 164 -8.91 8.90 17.14
N ILE B 165 -9.51 8.31 16.13
CA ILE B 165 -10.24 7.06 16.29
C ILE B 165 -9.72 6.01 15.28
N LEU B 166 -9.29 4.88 15.83
CA LEU B 166 -8.75 3.77 15.04
C LEU B 166 -9.85 3.16 14.19
N PRO B 167 -9.49 2.50 13.07
CA PRO B 167 -10.54 1.92 12.21
C PRO B 167 -11.46 0.96 12.95
N ASN B 168 -12.74 1.01 12.59
CA ASN B 168 -13.75 0.05 13.06
C ASN B 168 -14.13 0.16 14.53
N VAL B 169 -13.68 1.22 15.22
CA VAL B 169 -14.14 1.51 16.58
C VAL B 169 -15.50 2.18 16.44
N PRO B 170 -16.55 1.59 17.05
CA PRO B 170 -17.87 2.20 16.94
C PRO B 170 -17.98 3.42 17.86
N HIS B 171 -18.64 4.47 17.39
CA HIS B 171 -18.62 5.73 18.13
C HIS B 171 -19.78 6.66 17.80
N SER B 172 -19.97 7.64 18.68
CA SER B 172 -21.08 8.56 18.60
C SER B 172 -20.69 9.90 19.20
N PHE B 173 -21.16 10.97 18.56
CA PHE B 173 -20.92 12.31 19.07
C PHE B 173 -22.27 12.96 19.32
N THR B 174 -22.46 13.46 20.53
CA THR B 174 -23.71 14.13 20.89
C THR B 174 -23.35 15.40 21.66
N ASN B 175 -24.33 16.28 21.86
CA ASN B 175 -24.16 17.43 22.73
C ASN B 175 -24.09 17.00 24.19
N HIS B 176 -23.16 17.59 24.92
CA HIS B 176 -22.98 17.32 26.32
C HIS B 176 -24.13 17.97 27.10
N VAL B 177 -24.55 19.16 26.64
CA VAL B 177 -25.59 19.98 27.28
C VAL B 177 -26.85 19.91 26.46
N GLY B 178 -27.95 19.52 27.09
CA GLY B 178 -29.24 19.47 26.42
C GLY B 178 -29.75 20.85 26.04
N GLY B 179 -30.16 20.97 24.78
CA GLY B 179 -30.38 22.23 24.09
C GLY B 179 -29.19 22.32 23.20
N ALA B 180 -29.45 21.92 21.98
CA ALA B 180 -28.42 21.31 21.17
C ALA B 180 -27.95 22.15 20.01
N LYS B 181 -26.71 22.62 20.08
CA LYS B 181 -25.97 22.91 18.82
C LYS B 181 -24.45 23.06 18.99
N SER B 182 -23.75 21.94 19.11
CA SER B 182 -22.31 21.90 18.99
C SER B 182 -21.97 21.58 17.53
N GLU B 183 -20.69 21.78 17.19
CA GLU B 183 -20.20 21.59 15.85
C GLU B 183 -18.84 20.89 15.88
N ILE B 184 -18.61 19.99 14.92
CA ILE B 184 -17.30 19.36 14.77
C ILE B 184 -16.91 19.28 13.30
N ILE B 185 -15.61 19.10 13.06
CA ILE B 185 -15.06 18.75 11.77
C ILE B 185 -14.52 17.34 11.87
N ALA B 186 -14.93 16.46 10.96
CA ALA B 186 -14.50 15.05 11.00
C ALA B 186 -13.82 14.71 9.70
N ILE B 187 -12.59 14.23 9.77
CA ILE B 187 -11.81 13.89 8.61
C ILE B 187 -11.51 12.41 8.63
N ASN B 188 -12.03 11.68 7.67
CA ASN B 188 -11.76 10.25 7.54
C ASN B 188 -10.80 10.07 6.41
N TYR B 189 -9.81 9.21 6.57
CA TYR B 189 -8.76 9.06 5.56
C TYR B 189 -8.18 7.66 5.63
N GLY B 190 -7.50 7.26 4.55
CA GLY B 190 -6.77 5.98 4.56
C GLY B 190 -7.62 4.77 4.93
N ARG C 4 22.68 -1.44 27.71
CA ARG C 4 23.16 -2.77 28.19
C ARG C 4 23.06 -3.87 27.10
N THR C 5 21.85 -4.01 26.57
CA THR C 5 21.45 -5.06 25.67
C THR C 5 20.26 -4.52 24.89
N LEU C 6 20.08 -4.96 23.65
CA LEU C 6 18.93 -4.52 22.84
C LEU C 6 17.90 -5.61 22.67
N ALA C 7 16.67 -5.34 23.07
CA ALA C 7 15.61 -6.37 23.05
C ALA C 7 14.70 -6.21 21.85
N VAL C 8 14.32 -7.34 21.25
CA VAL C 8 13.24 -7.32 20.27
C VAL C 8 12.26 -8.42 20.63
N GLY C 9 10.99 -8.17 20.32
CA GLY C 9 9.94 -9.12 20.60
C GLY C 9 10.20 -10.44 19.91
N LYS C 10 10.14 -11.52 20.68
CA LYS C 10 10.38 -12.85 20.18
C LYS C 10 9.38 -13.24 19.07
N ALA C 11 8.09 -13.18 19.39
CA ALA C 11 7.04 -13.58 18.45
C ALA C 11 7.24 -12.86 17.10
N HIS C 12 7.44 -11.55 17.19
CA HIS C 12 7.65 -10.73 16.02
C HIS C 12 8.89 -11.15 15.22
N LEU C 13 10.00 -11.34 15.90
CA LEU C 13 11.19 -11.83 15.23
C LEU C 13 10.95 -13.20 14.61
N GLU C 14 10.25 -14.09 15.31
CA GLU C 14 9.96 -15.41 14.74
C GLU C 14 9.13 -15.30 13.45
N ALA C 15 8.22 -14.35 13.38
CA ALA C 15 7.44 -14.17 12.17
C ALA C 15 8.33 -13.68 11.05
N LEU C 16 9.24 -12.77 11.35
CA LEU C 16 10.19 -12.34 10.33
C LEU C 16 11.07 -13.47 9.82
N LEU C 17 11.54 -14.31 10.72
CA LEU C 17 12.32 -15.45 10.34
C LEU C 17 11.51 -16.40 9.45
N ALA C 18 10.23 -16.53 9.75
CA ALA C 18 9.37 -17.46 9.02
C ALA C 18 9.17 -17.01 7.57
N THR C 19 9.16 -15.70 7.33
CA THR C 19 9.08 -15.21 5.94
C THR C 19 10.33 -15.57 5.19
N ARG C 20 11.42 -15.87 5.90
CA ARG C 20 12.64 -16.35 5.24
C ARG C 20 12.84 -17.87 5.40
N LYS C 21 11.80 -18.55 5.85
CA LYS C 21 11.86 -20.00 6.09
C LYS C 21 12.96 -20.35 7.07
N MET C 22 13.08 -19.54 8.12
CA MET C 22 14.03 -19.81 9.17
C MET C 22 13.34 -19.82 10.51
N THR C 23 14.10 -20.26 11.52
CA THR C 23 13.68 -20.25 12.92
C THR C 23 14.79 -19.62 13.70
N LEU C 24 14.59 -19.47 15.00
CA LEU C 24 15.61 -18.94 15.88
C LEU C 24 16.90 -19.73 15.89
N GLU C 25 16.84 -21.00 15.53
CA GLU C 25 18.03 -21.82 15.62
C GLU C 25 19.01 -21.36 14.54
N HIS C 26 18.50 -20.69 13.51
CA HIS C 26 19.33 -20.23 12.40
C HIS C 26 20.07 -18.91 12.68
N LEU C 27 19.83 -18.33 13.86
CA LEU C 27 20.59 -17.18 14.33
C LEU C 27 21.68 -17.68 15.24
N GLN C 28 22.91 -17.26 14.98
CA GLN C 28 24.04 -17.72 15.77
C GLN C 28 23.98 -16.93 17.09
N ASP C 29 24.03 -17.66 18.21
CA ASP C 29 24.44 -17.13 19.53
C ASP C 29 23.62 -15.97 20.19
N VAL C 30 22.38 -15.74 19.76
CA VAL C 30 21.45 -14.76 20.39
C VAL C 30 20.91 -15.53 21.58
N ARG C 31 20.56 -14.81 22.62
CA ARG C 31 19.90 -15.37 23.77
C ARG C 31 18.45 -14.97 23.68
N HIS C 32 17.59 -15.67 24.40
CA HIS C 32 16.20 -15.28 24.49
C HIS C 32 15.56 -15.71 25.79
N ASP C 33 14.34 -15.25 26.00
CA ASP C 33 13.52 -15.72 27.10
C ASP C 33 12.14 -15.99 26.54
N ALA C 34 11.12 -16.04 27.37
CA ALA C 34 9.78 -16.34 26.89
C ALA C 34 9.23 -15.34 25.88
N THR C 35 9.63 -14.07 25.99
CA THR C 35 8.99 -12.99 25.24
C THR C 35 9.92 -12.11 24.41
N GLN C 36 11.23 -12.22 24.61
CA GLN C 36 12.18 -11.27 24.03
C GLN C 36 13.47 -11.93 23.61
N VAL C 37 14.10 -11.38 22.59
CA VAL C 37 15.37 -11.90 22.03
C VAL C 37 16.41 -10.81 22.22
N TYR C 38 17.61 -11.17 22.62
CA TYR C 38 18.58 -10.18 23.04
C TYR C 38 19.77 -10.13 22.10
N PHE C 39 20.17 -8.91 21.75
CA PHE C 39 21.27 -8.59 20.82
C PHE C 39 22.29 -7.71 21.51
N ASP C 40 23.55 -7.93 21.25
CA ASP C 40 24.63 -7.07 21.77
C ASP C 40 24.40 -5.57 21.54
N GLY C 41 23.77 -5.21 20.44
CA GLY C 41 23.51 -3.79 20.17
C GLY C 41 22.95 -3.60 18.78
N LEU C 42 22.76 -2.35 18.38
CA LEU C 42 22.27 -2.06 17.06
C LEU C 42 23.13 -2.71 15.97
N GLU C 43 24.43 -2.75 16.19
CA GLU C 43 25.30 -3.23 15.15
C GLU C 43 25.02 -4.73 14.88
N HIS C 44 24.85 -5.49 15.96
CA HIS C 44 24.51 -6.90 15.89
C HIS C 44 23.16 -7.08 15.20
N LEU C 45 22.18 -6.27 15.58
CA LEU C 45 20.87 -6.31 14.95
C LEU C 45 20.97 -6.01 13.45
N GLN C 46 21.78 -5.03 13.07
CA GLN C 46 21.95 -4.70 11.65
C GLN C 46 22.48 -5.86 10.87
N ASN C 47 23.35 -6.63 11.48
CA ASN C 47 23.96 -7.80 10.85
C ASN C 47 22.99 -8.89 10.57
N VAL C 48 22.13 -9.17 11.53
CA VAL C 48 21.05 -10.10 11.32
C VAL C 48 20.11 -9.59 10.22
N ALA C 49 19.69 -8.33 10.31
CA ALA C 49 18.84 -7.74 9.27
C ALA C 49 19.40 -7.90 7.88
N GLN C 50 20.71 -7.73 7.78
CA GLN C 50 21.40 -7.87 6.53
C GLN C 50 21.35 -9.31 6.04
N TYR C 51 21.65 -10.22 6.95
CA TYR C 51 21.56 -11.64 6.70
C TYR C 51 20.17 -12.06 6.26
N LEU C 52 19.12 -11.53 6.90
CA LEU C 52 17.77 -11.94 6.54
C LEU C 52 17.22 -11.16 5.35
N ALA C 53 18.00 -10.20 4.87
CA ALA C 53 17.55 -9.28 3.85
C ALA C 53 16.19 -8.66 4.17
N ILE C 54 16.07 -8.19 5.41
CA ILE C 54 14.93 -7.39 5.84
C ILE C 54 15.48 -6.07 6.32
N PRO C 55 14.76 -4.96 6.07
CA PRO C 55 15.36 -3.74 6.58
C PRO C 55 15.23 -3.63 8.09
N LEU C 56 16.17 -2.89 8.68
CA LEU C 56 16.29 -2.81 10.11
C LEU C 56 14.98 -2.38 10.76
N SER C 57 14.31 -1.42 10.15
CA SER C 57 13.05 -0.92 10.68
C SER C 57 12.06 -2.01 10.98
N GLU C 58 12.02 -3.07 10.18
CA GLU C 58 10.98 -4.09 10.39
C GLU C 58 11.10 -4.77 11.74
N PHE C 59 12.29 -4.80 12.30
CA PHE C 59 12.52 -5.52 13.54
C PHE C 59 11.91 -4.85 14.75
N PHE C 60 11.60 -3.56 14.62
CA PHE C 60 10.97 -2.81 15.68
C PHE C 60 9.49 -2.59 15.43
N VAL C 61 8.95 -2.94 14.25
CA VAL C 61 7.54 -2.71 13.98
C VAL C 61 6.64 -3.40 15.03
N GLY C 62 5.67 -2.65 15.54
CA GLY C 62 4.78 -3.13 16.61
C GLY C 62 5.43 -3.22 18.00
N GLN C 63 6.71 -2.90 18.15
CA GLN C 63 7.37 -2.93 19.49
C GLN C 63 7.09 -1.74 20.43
N THR C 64 6.80 -0.58 19.86
CA THR C 64 6.42 0.56 20.70
C THR C 64 4.98 0.41 21.10
N GLN C 65 4.74 0.65 22.38
CA GLN C 65 3.40 0.46 22.94
C GLN C 65 2.41 1.52 22.40
N SER C 66 1.27 1.07 21.91
CA SER C 66 0.22 1.95 21.44
C SER C 66 -0.07 3.01 22.47
N ASP C 67 -0.25 4.24 22.01
CA ASP C 67 -0.57 5.37 22.92
C ASP C 67 -2.08 5.64 22.94
N LEU C 68 -2.84 4.74 22.35
CA LEU C 68 -4.28 4.83 22.39
C LEU C 68 -4.77 4.25 23.67
N ASP C 69 -5.96 4.68 24.08
CA ASP C 69 -6.66 4.10 25.19
C ASP C 69 -8.00 3.68 24.63
N ASP C 70 -8.21 2.38 24.52
CA ASP C 70 -9.49 1.81 24.09
C ASP C 70 -9.84 2.18 22.66
N GLY C 71 -8.84 2.26 21.80
CA GLY C 71 -9.08 2.53 20.38
C GLY C 71 -9.11 4.00 19.98
N VAL C 72 -8.72 4.87 20.90
CA VAL C 72 -8.94 6.29 20.75
C VAL C 72 -7.81 7.08 21.40
N LYS C 73 -7.63 8.33 21.00
CA LYS C 73 -6.73 9.21 21.71
C LYS C 73 -7.22 10.64 21.66
N ILE C 74 -7.13 11.32 22.80
CA ILE C 74 -7.74 12.61 22.98
C ILE C 74 -6.65 13.63 23.28
N ALA C 75 -6.80 14.82 22.70
CA ALA C 75 -5.93 15.92 22.98
C ALA C 75 -6.78 17.16 23.27
N ARG C 76 -6.21 18.06 24.04
CA ARG C 76 -6.90 19.18 24.61
C ARG C 76 -6.30 20.43 24.02
N ARG C 77 -7.17 21.41 23.81
CA ARG C 77 -6.76 22.71 23.39
C ARG C 77 -5.63 23.19 24.29
N ASN C 78 -4.59 23.76 23.67
CA ASN C 78 -3.44 24.31 24.40
C ASN C 78 -2.72 23.27 25.23
N GLY C 79 -2.97 21.97 24.99
CA GLY C 79 -2.42 20.93 25.81
C GLY C 79 -1.10 20.33 25.36
N GLY C 80 -0.75 20.53 24.10
CA GLY C 80 0.39 19.81 23.52
C GLY C 80 1.48 20.78 23.08
N PHE C 81 2.24 20.39 22.08
CA PHE C 81 3.27 21.26 21.54
C PHE C 81 2.66 22.48 20.87
N LYS C 82 3.31 23.62 21.07
CA LYS C 82 2.87 24.89 20.51
C LYS C 82 4.06 25.84 20.40
N ARG C 83 4.11 26.63 19.35
CA ARG C 83 5.13 27.63 19.25
C ARG C 83 4.68 28.73 18.32
N GLU C 84 5.32 29.89 18.45
CA GLU C 84 5.14 31.00 17.54
C GLU C 84 6.16 30.83 16.43
N GLU C 85 5.85 31.32 15.25
CA GLU C 85 6.75 31.34 14.11
C GLU C 85 6.95 32.82 13.75
N ILE C 86 8.19 33.31 13.93
CA ILE C 86 8.58 34.72 13.79
C ILE C 86 9.78 34.79 12.86
N ARG C 87 9.62 35.48 11.74
CA ARG C 87 10.67 35.56 10.73
C ARG C 87 11.05 37.01 10.47
N GLY C 88 12.31 37.34 10.73
CA GLY C 88 12.82 38.71 10.69
C GLY C 88 11.89 39.72 11.36
N GLY C 89 11.57 39.46 12.62
CA GLY C 89 10.68 40.33 13.41
C GLY C 89 9.19 40.33 13.08
N VAL C 90 8.78 39.58 12.07
CA VAL C 90 7.37 39.54 11.68
C VAL C 90 6.75 38.28 12.25
N HIS C 91 5.74 38.47 13.09
CA HIS C 91 4.97 37.37 13.62
C HIS C 91 4.05 36.77 12.54
N TYR C 92 4.38 35.56 12.08
CA TYR C 92 3.64 34.92 10.94
C TYR C 92 2.52 33.97 11.40
N TYR C 93 2.86 32.92 12.16
CA TYR C 93 1.90 31.89 12.57
C TYR C 93 1.95 31.63 14.06
N THR C 94 0.87 31.08 14.61
CA THR C 94 0.93 30.23 15.81
C THR C 94 0.65 28.79 15.36
N TYR C 95 1.60 27.86 15.60
CA TYR C 95 1.44 26.44 15.27
C TYR C 95 1.02 25.73 16.55
N GLU C 96 -0.12 25.05 16.53
CA GLU C 96 -0.52 24.19 17.65
C GLU C 96 -0.82 22.76 17.18
N HIS C 97 -0.15 21.79 17.78
CA HIS C 97 -0.41 20.38 17.52
C HIS C 97 -1.79 20.01 17.96
N LEU C 98 -2.53 19.33 17.10
CA LEU C 98 -3.72 18.67 17.56
C LEU C 98 -3.31 17.26 17.93
N VAL C 99 -4.26 16.36 18.11
CA VAL C 99 -3.91 15.02 18.52
C VAL C 99 -2.89 14.41 17.55
N THR C 100 -1.89 13.77 18.11
CA THR C 100 -0.90 12.99 17.36
C THR C 100 -0.84 11.63 18.01
N THR C 101 -0.59 10.59 17.24
CA THR C 101 -0.49 9.23 17.75
C THR C 101 0.59 8.38 17.05
N ASN C 102 1.26 7.53 17.82
CA ASN C 102 2.25 6.63 17.28
C ASN C 102 1.63 5.51 16.48
N GLN C 103 0.31 5.42 16.48
CA GLN C 103 -0.41 4.52 15.56
C GLN C 103 -0.62 5.07 14.16
N ASP C 104 -0.26 6.32 13.93
CA ASP C 104 -0.18 6.86 12.56
C ASP C 104 0.82 7.99 12.47
N PRO C 105 2.10 7.64 12.40
CA PRO C 105 3.13 8.65 12.45
C PRO C 105 3.07 9.55 11.20
N GLY C 106 2.30 9.12 10.19
CA GLY C 106 2.07 9.95 8.99
C GLY C 106 1.00 11.03 9.12
N LEU C 107 0.33 11.09 10.27
CA LEU C 107 -0.72 12.09 10.50
C LEU C 107 -0.19 13.29 11.30
N MET C 108 -0.24 14.48 10.71
CA MET C 108 0.12 15.71 11.40
C MET C 108 -1.02 16.68 11.25
N ALA C 109 -1.75 16.83 12.33
CA ALA C 109 -2.89 17.70 12.39
C ALA C 109 -2.55 18.92 13.23
N LEU C 110 -2.81 20.10 12.67
CA LEU C 110 -2.46 21.38 13.27
C LEU C 110 -3.61 22.38 13.31
N ARG C 111 -3.59 23.26 14.30
CA ARG C 111 -4.38 24.47 14.31
C ARG C 111 -3.42 25.65 14.17
N LEU C 112 -3.64 26.51 13.21
CA LEU C 112 -2.78 27.64 12.96
C LEU C 112 -3.54 28.93 13.12
N ASP C 113 -3.00 29.88 13.87
CA ASP C 113 -3.42 31.28 13.84
C ASP C 113 -2.56 31.99 12.83
N LEU C 114 -3.15 32.76 11.95
CA LEU C 114 -2.39 33.46 10.91
C LEU C 114 -2.31 34.90 11.43
N HIS C 115 -1.10 35.46 11.59
CA HIS C 115 -0.93 36.78 12.25
C HIS C 115 -0.55 37.91 11.32
N SER C 116 0.10 37.61 10.19
CA SER C 116 0.66 38.65 9.34
C SER C 116 -0.13 38.89 8.05
N ASP C 117 0.13 40.09 7.52
CA ASP C 117 -0.83 40.83 6.76
C ASP C 117 -0.52 40.78 5.28
N ASP C 118 -0.91 41.88 4.63
CA ASP C 118 -0.81 42.10 3.19
C ASP C 118 0.58 42.65 2.77
N GLU C 119 1.09 43.62 3.52
CA GLU C 119 2.46 44.14 3.37
C GLU C 119 3.51 43.10 3.78
N GLN C 120 3.06 41.94 4.25
CA GLN C 120 3.98 40.85 4.55
C GLN C 120 4.46 40.09 3.27
N PRO C 121 5.78 39.85 3.12
CA PRO C 121 6.16 39.17 1.85
C PRO C 121 5.77 37.68 1.76
N LEU C 122 5.65 37.19 0.53
CA LEU C 122 5.36 35.79 0.25
C LEU C 122 6.49 34.89 0.75
N ARG C 123 6.16 33.83 1.48
CA ARG C 123 7.15 32.80 1.83
C ARG C 123 6.57 31.41 1.62
N LEU C 124 6.60 30.95 0.38
CA LEU C 124 6.12 29.61 0.04
C LEU C 124 6.96 28.57 0.73
N ASN C 125 6.34 27.43 1.05
CA ASN C 125 7.06 26.22 1.44
C ASN C 125 7.65 25.56 0.20
N GLY C 126 8.31 24.42 0.39
CA GLY C 126 8.78 23.60 -0.74
C GLY C 126 7.81 22.49 -1.11
N GLY C 127 6.60 22.51 -0.54
CA GLY C 127 5.67 21.39 -0.66
C GLY C 127 6.05 20.26 0.29
N HIS C 128 5.12 19.30 0.45
CA HIS C 128 5.18 18.21 1.45
C HIS C 128 4.85 16.89 0.74
N GLY C 129 5.46 15.75 1.12
CA GLY C 129 5.06 14.39 0.63
C GLY C 129 3.63 13.99 0.98
N SER C 130 3.12 14.57 2.06
CA SER C 130 1.76 14.31 2.50
C SER C 130 0.70 15.01 1.66
N ARG C 131 -0.45 14.38 1.55
CA ARG C 131 -1.67 15.07 1.13
C ARG C 131 -2.12 15.98 2.25
N GLU C 132 -2.93 16.96 1.89
CA GLU C 132 -3.34 17.95 2.85
C GLU C 132 -4.75 18.36 2.61
N ILE C 133 -5.50 18.47 3.69
CA ILE C 133 -6.75 19.18 3.63
C ILE C 133 -6.77 20.24 4.70
N VAL C 134 -7.19 21.45 4.32
CA VAL C 134 -7.25 22.58 5.23
C VAL C 134 -8.68 23.11 5.26
N TYR C 135 -9.11 23.49 6.45
CA TYR C 135 -10.45 24.04 6.66
C TYR C 135 -10.35 25.34 7.46
N VAL C 136 -11.09 26.36 7.03
CA VAL C 136 -10.98 27.68 7.64
C VAL C 136 -12.01 27.82 8.75
N THR C 137 -11.53 27.85 9.99
CA THR C 137 -12.39 27.98 11.13
C THR C 137 -12.79 29.42 11.42
N ARG C 138 -12.01 30.40 10.98
CA ARG C 138 -12.31 31.78 11.32
C ARG C 138 -11.59 32.74 10.39
N GLY C 139 -12.29 33.78 9.95
CA GLY C 139 -11.64 34.86 9.21
C GLY C 139 -11.62 34.59 7.73
N ALA C 140 -10.70 35.25 7.04
CA ALA C 140 -10.57 35.13 5.62
C ALA C 140 -9.11 34.91 5.29
N VAL C 141 -8.84 33.90 4.47
CA VAL C 141 -7.49 33.42 4.27
C VAL C 141 -7.04 33.46 2.82
N ARG C 142 -5.91 34.10 2.60
CA ARG C 142 -5.33 34.15 1.28
C ARG C 142 -4.49 32.93 1.11
N VAL C 143 -4.77 32.15 0.06
CA VAL C 143 -3.96 30.99 -0.22
C VAL C 143 -3.26 31.19 -1.53
N ARG C 144 -1.97 30.93 -1.54
CA ARG C 144 -1.18 31.05 -2.75
C ARG C 144 -0.47 29.75 -2.96
N TRP C 145 -0.35 29.33 -4.22
CA TRP C 145 0.36 28.11 -4.53
C TRP C 145 0.93 28.13 -5.94
N VAL C 146 1.85 27.20 -6.18
CA VAL C 146 2.51 27.10 -7.47
C VAL C 146 1.79 26.06 -8.28
N GLY C 147 1.25 26.49 -9.41
CA GLY C 147 0.37 25.66 -10.20
C GLY C 147 1.09 24.96 -11.35
N ASP C 148 0.34 24.69 -12.41
CA ASP C 148 0.88 24.10 -13.62
C ASP C 148 1.86 25.07 -14.28
N ASN C 149 2.95 24.52 -14.82
CA ASN C 149 3.95 25.30 -15.50
C ASN C 149 4.64 26.31 -14.56
N ASP C 150 4.70 25.96 -13.27
CA ASP C 150 5.33 26.78 -12.25
C ASP C 150 4.81 28.22 -12.16
N GLU C 151 3.53 28.42 -12.45
CA GLU C 151 2.87 29.72 -12.35
C GLU C 151 2.16 29.91 -11.01
N LEU C 152 2.31 31.09 -10.39
CA LEU C 152 1.64 31.38 -9.13
C LEU C 152 0.14 31.55 -9.33
N LYS C 153 -0.61 30.97 -8.39
CA LYS C 153 -2.04 31.07 -8.34
C LYS C 153 -2.42 31.59 -6.97
N GLU C 154 -3.65 32.09 -6.85
CA GLU C 154 -4.13 32.56 -5.58
C GLU C 154 -5.65 32.48 -5.50
N ASP C 155 -6.17 32.46 -4.28
CA ASP C 155 -7.61 32.49 -4.06
C ASP C 155 -7.82 32.88 -2.60
N VAL C 156 -9.06 33.09 -2.23
CA VAL C 156 -9.39 33.50 -0.89
C VAL C 156 -10.37 32.49 -0.33
N LEU C 157 -10.07 32.01 0.87
CA LEU C 157 -10.90 31.03 1.56
C LEU C 157 -11.50 31.66 2.77
N ASN C 158 -12.81 31.62 2.87
CA ASN C 158 -13.52 32.19 3.97
C ASN C 158 -13.94 31.10 4.91
N GLU C 159 -14.50 31.50 6.03
CA GLU C 159 -14.88 30.58 7.07
C GLU C 159 -15.78 29.50 6.50
N GLY C 160 -15.38 28.23 6.67
CA GLY C 160 -16.16 27.09 6.21
C GLY C 160 -15.76 26.53 4.85
N ASP C 161 -14.88 27.25 4.16
CA ASP C 161 -14.32 26.79 2.93
C ASP C 161 -13.19 25.81 3.25
N SER C 162 -12.78 25.02 2.28
CA SER C 162 -11.75 24.05 2.50
C SER C 162 -10.96 23.83 1.25
N ILE C 163 -9.79 23.22 1.39
CA ILE C 163 -8.94 23.02 0.24
C ILE C 163 -8.11 21.77 0.39
N PHE C 164 -7.97 21.04 -0.73
CA PHE C 164 -7.17 19.83 -0.78
C PHE C 164 -5.98 20.16 -1.63
N ILE C 165 -4.81 19.74 -1.19
CA ILE C 165 -3.56 20.06 -1.83
C ILE C 165 -2.76 18.77 -2.04
N LEU C 166 -2.45 18.51 -3.30
CA LEU C 166 -1.75 17.32 -3.69
C LEU C 166 -0.32 17.38 -3.14
N PRO C 167 0.33 16.22 -2.96
CA PRO C 167 1.71 16.22 -2.47
C PRO C 167 2.64 17.09 -3.30
N ASN C 168 3.53 17.76 -2.61
CA ASN C 168 4.62 18.51 -3.22
C ASN C 168 4.20 19.77 -4.00
N VAL C 169 2.95 20.20 -3.88
CA VAL C 169 2.57 21.51 -4.36
C VAL C 169 3.00 22.55 -3.33
N PRO C 170 3.82 23.53 -3.74
CA PRO C 170 4.24 24.54 -2.77
C PRO C 170 3.13 25.55 -2.50
N HIS C 171 2.97 25.97 -1.26
CA HIS C 171 1.81 26.79 -0.89
C HIS C 171 2.02 27.62 0.38
N SER C 172 1.16 28.60 0.56
CA SER C 172 1.24 29.55 1.67
C SER C 172 -0.16 30.02 2.07
N PHE C 173 -0.38 30.22 3.37
CA PHE C 173 -1.61 30.78 3.89
C PHE C 173 -1.31 32.06 4.68
N THR C 174 -2.00 33.13 4.33
CA THR C 174 -1.86 34.40 5.01
C THR C 174 -3.25 35.00 5.21
N ASN C 175 -3.35 36.05 6.04
CA ASN C 175 -4.62 36.79 6.16
C ASN C 175 -4.87 37.58 4.90
N HIS C 176 -6.11 37.56 4.47
CA HIS C 176 -6.54 38.32 3.31
C HIS C 176 -6.56 39.80 3.64
N VAL C 177 -6.99 40.12 4.87
CA VAL C 177 -7.23 41.50 5.28
C VAL C 177 -6.10 42.07 6.12
N GLY C 178 -5.75 41.42 7.22
CA GLY C 178 -4.67 41.95 8.03
C GLY C 178 -5.20 42.83 9.13
N GLY C 179 -4.71 42.58 10.34
CA GLY C 179 -5.40 43.06 11.54
C GLY C 179 -6.66 42.25 11.80
N ALA C 180 -7.15 41.49 10.81
CA ALA C 180 -8.18 40.49 11.05
C ALA C 180 -7.47 39.15 11.10
N LYS C 181 -7.19 38.68 12.31
CA LYS C 181 -6.47 37.42 12.46
C LYS C 181 -7.39 36.22 12.17
N SER C 182 -6.94 35.38 11.24
CA SER C 182 -7.65 34.21 10.81
C SER C 182 -7.11 32.92 11.45
N GLU C 183 -7.86 31.85 11.32
CA GLU C 183 -7.55 30.57 11.90
C GLU C 183 -7.87 29.43 10.90
N ILE C 184 -7.02 28.42 10.84
CA ILE C 184 -7.29 27.25 10.02
C ILE C 184 -6.94 25.99 10.80
N ILE C 185 -7.50 24.87 10.33
CA ILE C 185 -7.07 23.54 10.72
CA ILE C 185 -7.03 23.54 10.74
C ILE C 185 -6.40 22.89 9.51
N ALA C 186 -5.18 22.39 9.66
CA ALA C 186 -4.45 21.74 8.57
C ALA C 186 -4.13 20.32 8.92
N ILE C 187 -4.56 19.39 8.09
CA ILE C 187 -4.39 17.95 8.36
C ILE C 187 -3.55 17.38 7.26
N ASN C 188 -2.37 16.89 7.61
CA ASN C 188 -1.51 16.21 6.63
C ASN C 188 -1.57 14.72 6.91
N TYR C 189 -1.66 13.91 5.86
CA TYR C 189 -1.84 12.48 6.02
C TYR C 189 -1.30 11.71 4.81
N GLY C 190 -1.05 10.42 5.00
CA GLY C 190 -0.61 9.54 3.90
C GLY C 190 0.73 9.92 3.31
N LEU D 6 -27.14 -2.53 -17.11
CA LEU D 6 -25.77 -2.55 -16.50
C LEU D 6 -25.78 -2.73 -14.95
N ALA D 7 -25.24 -3.85 -14.49
CA ALA D 7 -25.43 -4.26 -13.11
C ALA D 7 -24.18 -4.08 -12.25
N VAL D 8 -24.37 -3.58 -11.03
CA VAL D 8 -23.30 -3.44 -10.08
C VAL D 8 -23.73 -4.13 -8.79
N GLY D 9 -22.81 -4.82 -8.11
CA GLY D 9 -23.10 -5.48 -6.82
C GLY D 9 -23.62 -4.51 -5.78
N LYS D 10 -24.77 -4.86 -5.19
CA LYS D 10 -25.47 -3.97 -4.28
C LYS D 10 -24.65 -3.68 -3.05
N ALA D 11 -24.19 -4.76 -2.40
CA ALA D 11 -23.36 -4.62 -1.20
C ALA D 11 -22.17 -3.68 -1.42
N HIS D 12 -21.44 -3.95 -2.50
CA HIS D 12 -20.30 -3.12 -2.88
C HIS D 12 -20.70 -1.65 -3.11
N LEU D 13 -21.73 -1.41 -3.91
CA LEU D 13 -22.17 -0.03 -4.12
C LEU D 13 -22.61 0.66 -2.82
N GLU D 14 -23.30 -0.08 -1.95
CA GLU D 14 -23.71 0.49 -0.66
C GLU D 14 -22.52 0.87 0.17
N ALA D 15 -21.45 0.08 0.13
CA ALA D 15 -20.27 0.44 0.89
C ALA D 15 -19.65 1.73 0.33
N LEU D 16 -19.63 1.86 -0.99
CA LEU D 16 -19.12 3.09 -1.61
C LEU D 16 -19.94 4.31 -1.24
N LEU D 17 -21.24 4.16 -1.25
CA LEU D 17 -22.11 5.26 -0.85
C LEU D 17 -21.89 5.63 0.62
N ALA D 18 -21.62 4.63 1.45
CA ALA D 18 -21.39 4.86 2.89
C ALA D 18 -20.12 5.67 3.15
N THR D 19 -19.09 5.49 2.32
CA THR D 19 -17.87 6.32 2.42
C THR D 19 -18.17 7.76 2.07
N ARG D 20 -19.26 8.02 1.38
CA ARG D 20 -19.71 9.40 1.12
C ARG D 20 -20.91 9.82 2.00
N LYS D 21 -21.19 9.03 3.03
CA LYS D 21 -22.31 9.29 3.92
C LYS D 21 -23.61 9.38 3.14
N MET D 22 -23.79 8.47 2.19
CA MET D 22 -25.03 8.38 1.42
C MET D 22 -25.58 6.96 1.47
N THR D 23 -26.81 6.81 0.98
CA THR D 23 -27.50 5.54 0.80
C THR D 23 -28.09 5.61 -0.63
N LEU D 24 -28.92 4.64 -1.04
CA LEU D 24 -29.36 4.56 -2.43
C LEU D 24 -30.15 5.76 -3.02
N GLU D 25 -30.63 6.67 -2.18
CA GLU D 25 -30.92 8.07 -2.70
C GLU D 25 -30.11 8.41 -3.97
N ARG D 31 -32.83 1.65 -9.87
CA ARG D 31 -33.45 0.36 -9.57
C ARG D 31 -32.52 -0.59 -8.84
N HIS D 32 -33.08 -1.51 -8.06
CA HIS D 32 -32.28 -2.62 -7.51
C HIS D 32 -33.08 -3.86 -7.25
N ASP D 33 -32.39 -4.92 -6.88
CA ASP D 33 -33.02 -6.14 -6.38
C ASP D 33 -32.24 -6.55 -5.13
N ALA D 34 -32.36 -7.81 -4.71
CA ALA D 34 -31.70 -8.27 -3.49
C ALA D 34 -30.17 -8.16 -3.54
N THR D 35 -29.60 -8.32 -4.74
CA THR D 35 -28.17 -8.57 -4.89
C THR D 35 -27.44 -7.55 -5.82
N GLN D 36 -28.20 -6.75 -6.57
CA GLN D 36 -27.61 -5.97 -7.61
C GLN D 36 -28.37 -4.66 -7.91
N VAL D 37 -27.66 -3.67 -8.42
CA VAL D 37 -28.23 -2.33 -8.66
C VAL D 37 -28.05 -2.00 -10.13
N TYR D 38 -29.06 -1.40 -10.73
CA TYR D 38 -29.10 -1.30 -12.17
C TYR D 38 -29.01 0.14 -12.65
N PHE D 39 -28.20 0.33 -13.69
CA PHE D 39 -27.96 1.62 -14.34
C PHE D 39 -28.41 1.51 -15.78
N ASP D 40 -29.22 2.48 -16.18
CA ASP D 40 -29.99 2.42 -17.39
C ASP D 40 -29.10 2.95 -18.51
N GLY D 41 -28.46 4.08 -18.25
CA GLY D 41 -27.78 4.83 -19.27
C GLY D 41 -26.47 4.18 -19.64
N LEU D 42 -26.07 3.12 -18.89
CA LEU D 42 -24.90 2.27 -19.27
C LEU D 42 -23.54 3.10 -18.98
N GLU D 43 -23.65 4.44 -19.07
CA GLU D 43 -22.67 5.48 -18.67
C GLU D 43 -23.43 6.56 -17.76
N HIS D 44 -24.69 6.29 -17.49
CA HIS D 44 -25.32 6.69 -16.22
C HIS D 44 -24.38 6.38 -15.04
N LEU D 45 -23.62 5.29 -15.14
CA LEU D 45 -22.62 4.95 -14.11
C LEU D 45 -21.50 5.98 -13.95
N GLN D 46 -21.01 6.54 -15.08
CA GLN D 46 -19.99 7.60 -15.03
C GLN D 46 -20.47 8.85 -14.34
N ASN D 47 -21.75 9.16 -14.52
CA ASN D 47 -22.35 10.30 -13.84
C ASN D 47 -22.41 10.17 -12.34
N VAL D 48 -22.81 9.01 -11.87
CA VAL D 48 -22.85 8.72 -10.44
C VAL D 48 -21.42 8.78 -9.85
N ALA D 49 -20.47 8.11 -10.50
CA ALA D 49 -19.08 8.19 -10.10
C ALA D 49 -18.58 9.65 -9.96
N GLN D 50 -18.97 10.47 -10.91
CA GLN D 50 -18.57 11.86 -10.92
C GLN D 50 -19.20 12.56 -9.70
N TYR D 51 -20.49 12.32 -9.51
CA TYR D 51 -21.24 12.86 -8.39
C TYR D 51 -20.66 12.45 -7.04
N LEU D 52 -20.21 11.21 -6.91
CA LEU D 52 -19.64 10.79 -5.66
C LEU D 52 -18.18 11.16 -5.54
N ALA D 53 -17.60 11.71 -6.59
CA ALA D 53 -16.16 11.90 -6.69
C ALA D 53 -15.35 10.62 -6.36
N ILE D 54 -15.79 9.49 -6.91
CA ILE D 54 -15.07 8.21 -6.85
C ILE D 54 -14.72 7.89 -8.29
N PRO D 55 -13.50 7.36 -8.55
CA PRO D 55 -13.29 7.02 -9.94
C PRO D 55 -14.12 5.84 -10.36
N LEU D 56 -14.40 5.81 -11.65
CA LEU D 56 -15.24 4.79 -12.23
C LEU D 56 -14.80 3.39 -11.87
N SER D 57 -13.50 3.16 -11.97
CA SER D 57 -12.96 1.85 -11.68
C SER D 57 -13.46 1.25 -10.37
N GLU D 58 -13.65 2.06 -9.35
CA GLU D 58 -13.98 1.52 -8.03
C GLU D 58 -15.30 0.78 -8.05
N PHE D 59 -16.19 1.14 -8.96
CA PHE D 59 -17.51 0.57 -8.99
C PHE D 59 -17.53 -0.89 -9.40
N PHE D 60 -16.48 -1.31 -10.07
CA PHE D 60 -16.35 -2.67 -10.51
C PHE D 60 -15.37 -3.49 -9.67
N VAL D 61 -14.66 -2.87 -8.72
CA VAL D 61 -13.72 -3.62 -7.91
C VAL D 61 -14.42 -4.77 -7.16
N GLY D 62 -13.80 -5.95 -7.22
CA GLY D 62 -14.37 -7.14 -6.61
C GLY D 62 -15.57 -7.73 -7.36
N GLN D 63 -16.05 -7.09 -8.42
CA GLN D 63 -17.24 -7.57 -9.14
C GLN D 63 -16.99 -8.53 -10.35
N THR D 64 -15.75 -8.69 -10.79
CA THR D 64 -15.45 -9.73 -11.75
C THR D 64 -15.38 -11.03 -10.97
N GLN D 65 -16.01 -12.06 -11.52
CA GLN D 65 -16.05 -13.35 -10.85
C GLN D 65 -14.65 -13.97 -10.76
N SER D 66 -14.26 -14.42 -9.58
CA SER D 66 -12.98 -15.05 -9.39
C SER D 66 -12.81 -16.21 -10.36
N ASP D 67 -11.61 -16.36 -10.93
CA ASP D 67 -11.31 -17.50 -11.81
C ASP D 67 -10.65 -18.63 -11.05
N LEU D 68 -10.59 -18.51 -9.73
CA LEU D 68 -10.04 -19.59 -8.90
C LEU D 68 -11.10 -20.63 -8.65
N ASP D 69 -10.64 -21.84 -8.39
CA ASP D 69 -11.50 -22.94 -7.96
C ASP D 69 -10.93 -23.43 -6.65
N ASP D 70 -11.65 -23.17 -5.58
CA ASP D 70 -11.26 -23.62 -4.25
C ASP D 70 -9.96 -22.98 -3.76
N GLY D 71 -9.76 -21.70 -4.07
CA GLY D 71 -8.61 -20.95 -3.54
C GLY D 71 -7.36 -21.08 -4.38
N VAL D 72 -7.50 -21.69 -5.54
CA VAL D 72 -6.36 -22.13 -6.32
C VAL D 72 -6.62 -22.00 -7.83
N LYS D 73 -5.58 -21.94 -8.64
CA LYS D 73 -5.76 -22.05 -10.08
C LYS D 73 -4.60 -22.76 -10.69
N ILE D 74 -4.91 -23.70 -11.60
CA ILE D 74 -3.92 -24.58 -12.16
C ILE D 74 -3.81 -24.27 -13.65
N ALA D 75 -2.58 -24.29 -14.17
CA ALA D 75 -2.36 -24.19 -15.59
C ALA D 75 -1.40 -25.30 -16.02
N ARG D 76 -1.50 -25.67 -17.30
CA ARG D 76 -0.84 -26.80 -17.85
C ARG D 76 0.10 -26.29 -18.88
N ARG D 77 1.25 -26.97 -18.99
CA ARG D 77 2.18 -26.72 -20.05
C ARG D 77 1.46 -26.68 -21.41
N ASN D 78 1.79 -25.69 -22.23
CA ASN D 78 1.22 -25.48 -23.55
C ASN D 78 -0.26 -25.24 -23.55
N GLY D 79 -0.83 -24.93 -22.39
CA GLY D 79 -2.27 -24.85 -22.27
C GLY D 79 -2.82 -23.48 -22.53
N GLY D 80 -1.99 -22.45 -22.45
CA GLY D 80 -2.44 -21.08 -22.56
C GLY D 80 -1.74 -20.34 -23.70
N PHE D 81 -1.65 -19.03 -23.59
CA PHE D 81 -1.12 -18.18 -24.63
C PHE D 81 0.38 -18.42 -24.85
N LYS D 82 0.77 -18.40 -26.11
CA LYS D 82 2.15 -18.62 -26.50
C LYS D 82 2.42 -17.92 -27.81
N ARG D 83 3.60 -17.34 -27.97
CA ARG D 83 3.98 -16.79 -29.27
C ARG D 83 5.50 -16.68 -29.37
N GLU D 84 5.98 -16.51 -30.61
CA GLU D 84 7.37 -16.21 -30.87
C GLU D 84 7.56 -14.71 -30.87
N GLU D 85 8.74 -14.26 -30.46
CA GLU D 85 9.10 -12.84 -30.41
C GLU D 85 10.30 -12.65 -31.30
N ILE D 86 10.12 -11.85 -32.34
CA ILE D 86 11.17 -11.59 -33.32
C ILE D 86 11.42 -10.09 -33.29
N ARG D 87 12.65 -9.67 -32.99
CA ARG D 87 12.89 -8.23 -32.70
C ARG D 87 13.45 -7.42 -33.84
N GLY D 88 14.49 -7.84 -34.51
CA GLY D 88 14.87 -7.06 -35.70
C GLY D 88 15.25 -8.06 -36.74
N GLY D 89 14.29 -8.88 -37.15
CA GLY D 89 14.61 -10.09 -37.92
C GLY D 89 15.31 -11.19 -37.12
N VAL D 90 15.58 -10.94 -35.84
CA VAL D 90 16.26 -11.91 -34.97
C VAL D 90 15.24 -12.61 -34.06
N HIS D 91 15.17 -13.94 -34.17
CA HIS D 91 14.32 -14.75 -33.32
C HIS D 91 14.88 -14.73 -31.90
N TYR D 92 14.18 -14.03 -31.00
CA TYR D 92 14.71 -13.73 -29.67
C TYR D 92 14.17 -14.71 -28.62
N TYR D 93 12.85 -14.74 -28.44
CA TYR D 93 12.24 -15.53 -27.39
C TYR D 93 11.13 -16.41 -27.94
N THR D 94 10.80 -17.46 -27.20
CA THR D 94 9.43 -18.00 -27.19
C THR D 94 8.84 -17.62 -25.85
N TYR D 95 7.71 -16.91 -25.85
CA TYR D 95 6.99 -16.55 -24.62
C TYR D 95 5.85 -17.52 -24.38
N GLU D 96 5.81 -18.16 -23.21
CA GLU D 96 4.68 -19.00 -22.82
C GLU D 96 4.12 -18.56 -21.45
N HIS D 97 2.83 -18.25 -21.44
CA HIS D 97 2.13 -17.86 -20.20
C HIS D 97 2.09 -19.05 -19.24
N LEU D 98 2.48 -18.82 -18.01
CA LEU D 98 2.18 -19.78 -16.96
C LEU D 98 0.82 -19.39 -16.39
N VAL D 99 0.46 -19.92 -15.24
CA VAL D 99 -0.84 -19.55 -14.65
C VAL D 99 -1.00 -18.02 -14.51
N THR D 100 -2.16 -17.52 -14.94
CA THR D 100 -2.54 -16.12 -14.78
C THR D 100 -3.88 -16.13 -14.12
N THR D 101 -4.15 -15.13 -13.30
CA THR D 101 -5.43 -15.04 -12.59
C THR D 101 -5.91 -13.59 -12.43
N ASN D 102 -7.22 -13.39 -12.54
CA ASN D 102 -7.82 -12.09 -12.31
C ASN D 102 -7.83 -11.70 -10.85
N GLN D 103 -7.40 -12.61 -9.99
CA GLN D 103 -7.20 -12.26 -8.58
C GLN D 103 -5.87 -11.55 -8.34
N ASP D 104 -5.02 -11.48 -9.36
CA ASP D 104 -3.82 -10.64 -9.30
C ASP D 104 -3.39 -10.25 -10.68
N PRO D 105 -4.05 -9.24 -11.22
CA PRO D 105 -3.77 -8.83 -12.59
C PRO D 105 -2.36 -8.27 -12.76
N GLY D 106 -1.69 -7.96 -11.66
CA GLY D 106 -0.30 -7.56 -11.67
C GLY D 106 0.73 -8.69 -11.76
N LEU D 107 0.28 -9.95 -11.74
CA LEU D 107 1.19 -11.07 -11.85
C LEU D 107 1.28 -11.59 -13.28
N MET D 108 2.47 -11.53 -13.88
CA MET D 108 2.72 -12.14 -15.19
C MET D 108 3.91 -13.10 -15.11
N ALA D 109 3.59 -14.38 -15.10
CA ALA D 109 4.57 -15.42 -14.95
C ALA D 109 4.72 -16.08 -16.30
N LEU D 110 5.96 -16.18 -16.78
CA LEU D 110 6.29 -16.71 -18.10
C LEU D 110 7.36 -17.81 -18.07
N ARG D 111 7.31 -18.69 -19.06
CA ARG D 111 8.43 -19.55 -19.39
C ARG D 111 8.95 -19.09 -20.74
N LEU D 112 10.25 -18.83 -20.85
CA LEU D 112 10.84 -18.38 -22.09
C LEU D 112 11.89 -19.32 -22.59
N ASP D 113 11.83 -19.61 -23.88
CA ASP D 113 12.96 -20.25 -24.57
C ASP D 113 13.78 -19.14 -25.12
N LEU D 114 15.08 -19.28 -25.05
CA LEU D 114 15.95 -18.25 -25.60
C LEU D 114 16.54 -18.70 -26.92
N HIS D 115 16.46 -17.86 -27.94
CA HIS D 115 16.94 -18.24 -29.27
C HIS D 115 18.13 -17.37 -29.81
N SER D 116 18.38 -16.21 -29.25
CA SER D 116 19.48 -15.36 -29.74
C SER D 116 20.75 -15.59 -28.93
N ASP D 117 21.85 -15.02 -29.42
CA ASP D 117 23.16 -15.10 -28.77
C ASP D 117 24.02 -13.91 -29.14
N ASP D 118 25.33 -14.00 -28.91
CA ASP D 118 26.24 -12.86 -29.07
C ASP D 118 26.51 -12.51 -30.54
N GLU D 119 26.34 -13.50 -31.43
CA GLU D 119 26.48 -13.30 -32.88
C GLU D 119 25.36 -12.45 -33.47
N GLN D 120 24.33 -12.15 -32.66
CA GLN D 120 23.18 -11.38 -33.08
C GLN D 120 23.17 -10.09 -32.27
N PRO D 121 22.65 -9.00 -32.86
CA PRO D 121 22.78 -7.77 -32.09
C PRO D 121 21.87 -7.70 -30.86
N LEU D 122 22.31 -6.87 -29.91
CA LEU D 122 21.59 -6.63 -28.69
C LEU D 122 20.27 -5.96 -28.99
N ARG D 123 19.20 -6.48 -28.37
CA ARG D 123 17.89 -5.83 -28.43
C ARG D 123 17.26 -5.74 -27.06
N LEU D 124 17.67 -4.71 -26.33
CA LEU D 124 17.13 -4.43 -25.00
C LEU D 124 15.65 -4.11 -25.13
N ASN D 125 14.88 -4.43 -24.09
CA ASN D 125 13.52 -3.85 -23.96
C ASN D 125 13.60 -2.40 -23.40
N GLY D 126 12.46 -1.77 -23.13
CA GLY D 126 12.46 -0.44 -22.51
C GLY D 126 12.30 -0.48 -20.99
N GLY D 127 12.39 -1.67 -20.39
CA GLY D 127 12.05 -1.87 -18.96
C GLY D 127 10.55 -1.86 -18.75
N HIS D 128 10.11 -2.18 -17.53
CA HIS D 128 8.66 -2.15 -17.24
C HIS D 128 8.39 -1.91 -15.75
N GLY D 129 7.14 -1.56 -15.46
CA GLY D 129 6.70 -1.16 -14.12
C GLY D 129 6.79 -2.24 -13.05
N SER D 130 6.72 -3.50 -13.45
CA SER D 130 6.78 -4.59 -12.51
C SER D 130 8.20 -4.87 -12.03
N ARG D 131 8.29 -5.34 -10.80
CA ARG D 131 9.46 -6.04 -10.33
C ARG D 131 9.55 -7.37 -11.01
N GLU D 132 10.74 -7.93 -11.03
CA GLU D 132 10.95 -9.17 -11.74
C GLU D 132 11.95 -10.04 -11.01
N ILE D 133 11.64 -11.31 -10.92
CA ILE D 133 12.62 -12.31 -10.58
C ILE D 133 12.65 -13.38 -11.65
N VAL D 134 13.85 -13.73 -12.07
CA VAL D 134 14.07 -14.71 -13.10
C VAL D 134 14.95 -15.82 -12.56
N TYR D 135 14.64 -17.05 -13.00
CA TYR D 135 15.36 -18.24 -12.58
C TYR D 135 15.69 -19.10 -13.80
N VAL D 136 16.92 -19.61 -13.86
CA VAL D 136 17.37 -20.34 -15.01
C VAL D 136 17.14 -21.80 -14.85
N THR D 137 16.20 -22.36 -15.63
CA THR D 137 15.87 -23.77 -15.56
C THR D 137 16.79 -24.64 -16.37
N ARG D 138 17.42 -24.09 -17.41
CA ARG D 138 18.27 -24.91 -18.28
C ARG D 138 19.24 -24.06 -19.08
N GLY D 139 20.48 -24.50 -19.15
CA GLY D 139 21.48 -23.84 -20.00
C GLY D 139 22.27 -22.77 -19.32
N ALA D 140 22.83 -21.87 -20.11
CA ALA D 140 23.61 -20.77 -19.59
C ALA D 140 23.13 -19.50 -20.26
N VAL D 141 22.86 -18.46 -19.48
CA VAL D 141 22.14 -17.30 -19.99
C VAL D 141 22.91 -16.02 -19.82
N ARG D 142 23.06 -15.30 -20.91
CA ARG D 142 23.72 -14.01 -20.88
C ARG D 142 22.69 -12.97 -20.57
N VAL D 143 22.93 -12.20 -19.51
CA VAL D 143 21.99 -11.17 -19.16
C VAL D 143 22.67 -9.85 -19.31
N ARG D 144 22.02 -8.94 -19.99
CA ARG D 144 22.55 -7.60 -20.21
C ARG D 144 21.52 -6.60 -19.78
N TRP D 145 21.97 -5.53 -19.14
CA TRP D 145 21.07 -4.53 -18.67
C TRP D 145 21.74 -3.15 -18.56
N VAL D 146 20.91 -2.13 -18.42
CA VAL D 146 21.38 -0.77 -18.33
C VAL D 146 21.44 -0.39 -16.85
N GLY D 147 22.63 -0.08 -16.37
CA GLY D 147 22.89 0.15 -14.96
C GLY D 147 22.86 1.62 -14.61
N ASP D 148 23.62 1.96 -13.58
CA ASP D 148 23.74 3.35 -13.12
C ASP D 148 24.41 4.22 -14.19
N ASN D 149 23.92 5.45 -14.34
CA ASN D 149 24.42 6.40 -15.34
C ASN D 149 24.29 5.88 -16.75
N ASP D 150 23.26 5.07 -16.97
CA ASP D 150 22.96 4.52 -18.29
C ASP D 150 24.10 3.72 -18.93
N GLU D 151 24.92 3.06 -18.13
CA GLU D 151 26.00 2.21 -18.61
C GLU D 151 25.58 0.75 -18.75
N LEU D 152 25.98 0.08 -19.83
CA LEU D 152 25.67 -1.33 -20.01
C LEU D 152 26.47 -2.22 -19.08
N LYS D 153 25.78 -3.23 -18.56
CA LYS D 153 26.36 -4.23 -17.68
C LYS D 153 26.02 -5.61 -18.23
N GLU D 154 26.74 -6.62 -17.78
CA GLU D 154 26.46 -7.97 -18.24
C GLU D 154 26.93 -8.99 -17.21
N ASP D 155 26.35 -10.19 -17.29
CA ASP D 155 26.77 -11.30 -16.45
C ASP D 155 26.24 -12.55 -17.09
N VAL D 156 26.62 -13.70 -16.55
CA VAL D 156 26.15 -14.98 -17.04
C VAL D 156 25.46 -15.71 -15.90
N LEU D 157 24.27 -16.22 -16.17
CA LEU D 157 23.48 -16.98 -15.21
C LEU D 157 23.40 -18.39 -15.69
N ASN D 158 23.80 -19.32 -14.84
CA ASN D 158 23.72 -20.73 -15.14
C ASN D 158 22.52 -21.32 -14.50
N GLU D 159 22.29 -22.59 -14.78
CA GLU D 159 21.18 -23.31 -14.24
C GLU D 159 21.12 -23.19 -12.72
N GLY D 160 19.99 -22.71 -12.19
CA GLY D 160 19.76 -22.60 -10.77
C GLY D 160 20.08 -21.22 -10.22
N ASP D 161 20.72 -20.39 -11.03
CA ASP D 161 21.00 -19.01 -10.63
C ASP D 161 19.74 -18.20 -10.82
N SER D 162 19.69 -17.00 -10.22
CA SER D 162 18.49 -16.19 -10.31
C SER D 162 18.84 -14.73 -10.27
N ILE D 163 17.91 -13.87 -10.67
CA ILE D 163 18.17 -12.47 -10.68
C ILE D 163 16.92 -11.66 -10.41
N PHE D 164 17.07 -10.61 -9.61
CA PHE D 164 15.99 -9.70 -9.32
C PHE D 164 16.27 -8.39 -10.07
N ILE D 165 15.25 -7.83 -10.72
CA ILE D 165 15.39 -6.64 -11.54
C ILE D 165 14.37 -5.58 -11.10
N LEU D 166 14.87 -4.42 -10.73
CA LEU D 166 14.02 -3.31 -10.28
C LEU D 166 13.16 -2.84 -11.42
N PRO D 167 12.04 -2.20 -11.10
CA PRO D 167 11.23 -1.67 -12.18
C PRO D 167 11.98 -0.76 -13.15
N ASN D 168 11.66 -0.89 -14.43
CA ASN D 168 12.08 0.04 -15.49
C ASN D 168 13.56 -0.06 -15.83
N VAL D 169 14.25 -1.07 -15.33
CA VAL D 169 15.61 -1.37 -15.77
C VAL D 169 15.51 -2.12 -17.08
N PRO D 170 16.12 -1.58 -18.15
CA PRO D 170 16.07 -2.24 -19.45
C PRO D 170 17.03 -3.43 -19.50
N HIS D 171 16.61 -4.53 -20.12
CA HIS D 171 17.35 -5.77 -20.01
C HIS D 171 17.03 -6.76 -21.11
N SER D 172 17.91 -7.74 -21.26
CA SER D 172 17.85 -8.70 -22.31
C SER D 172 18.43 -10.02 -21.81
N PHE D 173 17.83 -11.12 -22.23
CA PHE D 173 18.37 -12.46 -21.94
C PHE D 173 18.66 -13.20 -23.25
N THR D 174 19.86 -13.70 -23.40
CA THR D 174 20.25 -14.43 -24.60
C THR D 174 21.05 -15.63 -24.16
N ASN D 175 21.28 -16.56 -25.08
CA ASN D 175 22.17 -17.68 -24.81
C ASN D 175 23.62 -17.26 -24.78
N HIS D 176 24.35 -17.78 -23.80
CA HIS D 176 25.74 -17.44 -23.58
C HIS D 176 26.59 -18.12 -24.64
N VAL D 177 26.19 -19.32 -25.03
CA VAL D 177 26.95 -20.14 -25.97
C VAL D 177 26.45 -20.02 -27.39
N GLY D 178 25.17 -20.20 -27.62
CA GLY D 178 24.69 -19.95 -28.98
C GLY D 178 24.63 -21.24 -29.77
N GLY D 179 23.46 -21.48 -30.34
CA GLY D 179 23.10 -22.82 -30.71
C GLY D 179 22.75 -23.68 -29.50
N ALA D 180 23.14 -23.29 -28.29
CA ALA D 180 22.81 -24.05 -27.07
C ALA D 180 21.60 -23.41 -26.43
N LYS D 181 20.41 -23.97 -26.65
CA LYS D 181 19.14 -23.30 -26.30
C LYS D 181 18.82 -23.40 -24.81
N SER D 182 18.70 -22.25 -24.18
CA SER D 182 18.48 -22.11 -22.75
C SER D 182 17.03 -21.76 -22.44
N GLU D 183 16.67 -21.88 -21.17
CA GLU D 183 15.31 -21.69 -20.71
C GLU D 183 15.32 -20.91 -19.39
N ILE D 184 14.34 -20.03 -19.22
CA ILE D 184 14.16 -19.35 -17.97
C ILE D 184 12.70 -19.27 -17.59
N ILE D 185 12.46 -19.01 -16.32
CA ILE D 185 11.14 -18.65 -15.82
C ILE D 185 11.26 -17.19 -15.36
N ALA D 186 10.33 -16.34 -15.79
CA ALA D 186 10.33 -14.96 -15.42
C ALA D 186 9.01 -14.64 -14.75
N ILE D 187 9.06 -14.09 -13.55
CA ILE D 187 7.87 -13.75 -12.81
C ILE D 187 7.85 -12.24 -12.55
N ASN D 188 6.87 -11.56 -13.10
CA ASN D 188 6.70 -10.15 -12.90
C ASN D 188 5.56 -9.95 -11.93
N TYR D 189 5.72 -9.03 -10.98
CA TYR D 189 4.72 -8.86 -9.91
C TYR D 189 4.77 -7.43 -9.35
N GLY D 190 3.72 -7.02 -8.68
CA GLY D 190 3.69 -5.71 -7.97
C GLY D 190 4.18 -4.47 -8.71
#